data_6FW0
#
_entry.id   6FW0
#
_cell.length_a   131.410
_cell.length_b   221.991
_cell.length_c   86.106
_cell.angle_alpha   90.00
_cell.angle_beta   90.00
_cell.angle_gamma   90.00
#
_symmetry.space_group_name_H-M   'C 2 2 2'
#
loop_
_entity.id
_entity.type
_entity.pdbx_description
1 polymer 'Amine oxidase [flavin-containing] B'
2 non-polymer 'FLAVIN-ADENINE DINUCLEOTIDE'
3 non-polymer ~{N}-(3-chlorophenyl)-4-oxidanylidene-chromene-3-carboxamide
4 non-polymer N-DODECYL-N,N-DIMETHYL-3-AMMONIO-1-PROPANESULFONATE
5 non-polymer GLYCEROL
6 water water
#
_entity_poly.entity_id   1
_entity_poly.type   'polypeptide(L)'
_entity_poly.pdbx_seq_one_letter_code
;MSNKCDVVVVGGGISGMAAAKLLHDSGLNVVVLEARDRVGGRTYTLRNQKVKYVDLGGSYVGPTQNRILRLAKELGLETY
KVNEVERLIHHVKGKSYPFRGPFPPVWNPITYLDHNNFWRTMDDMGREIPSDAPWKAPLAEEWDNMTMKELLDKLCWTES
AKQLATLFVNLCVTAETHEVSALWFLWYVKQCGGTTRIISTTNGGQERKFVGGSGQVSERIMDLLGDRVKLERPVIYIDQ
TRENVLVETLNHEMYEAKYVISAIPPTLGMKIHFNPPLPMMRNQMITRVPLGSVIKCIVYYKEPFWRKKDYCGTMIIDGE
EAPVAYTLDDTKPEGNYAAIMGFILAHKARKLARLTKEERLKKLCELYAKVLGSLEALEPVHYEEKNWCEEQYSGGCYTT
YFPPGILTQYGRVLRQPVDRIYFAGTETATHWSGYMEGAVEAGERAAREILHAMGKIPEDEIWQSEPESVDVPAQPITTT
FLERHLPSVPGLLRLIGLTTIFSATALGFLAHKRGLLVRV
;
_entity_poly.pdbx_strand_id   A,B
#
# COMPACT_ATOMS: atom_id res chain seq x y z
N SER A 2 19.70 30.76 2.94
CA SER A 2 19.54 29.49 2.17
C SER A 2 20.75 29.20 1.27
N ASN A 3 21.05 27.92 1.11
CA ASN A 3 22.15 27.46 0.25
C ASN A 3 21.59 27.37 -1.17
N LYS A 4 22.16 28.14 -2.10
CA LYS A 4 21.58 28.31 -3.44
C LYS A 4 22.28 27.38 -4.43
N CYS A 5 21.50 26.79 -5.35
CA CYS A 5 22.06 25.98 -6.44
C CYS A 5 21.08 25.90 -7.61
N ASP A 6 21.47 25.19 -8.67
CA ASP A 6 20.56 24.96 -9.80
C ASP A 6 19.56 23.83 -9.50
N VAL A 7 20.08 22.70 -9.01
CA VAL A 7 19.27 21.51 -8.77
C VAL A 7 19.61 20.88 -7.43
N VAL A 8 18.57 20.66 -6.64
CA VAL A 8 18.68 19.82 -5.45
C VAL A 8 18.24 18.41 -5.83
N VAL A 9 19.09 17.45 -5.50
CA VAL A 9 18.75 16.03 -5.64
C VAL A 9 18.48 15.46 -4.26
N VAL A 10 17.27 14.95 -4.05
CA VAL A 10 16.88 14.33 -2.80
C VAL A 10 17.20 12.85 -2.91
N GLY A 11 18.18 12.42 -2.13
CA GLY A 11 18.61 11.03 -2.15
C GLY A 11 19.93 10.78 -2.85
N GLY A 12 20.85 10.16 -2.13
CA GLY A 12 22.18 9.85 -2.60
C GLY A 12 22.40 8.36 -2.82
N GLY A 13 21.37 7.66 -3.35
CA GLY A 13 21.54 6.31 -3.88
C GLY A 13 22.15 6.40 -5.28
N ILE A 14 22.28 5.27 -5.95
CA ILE A 14 22.80 5.27 -7.32
C ILE A 14 22.04 6.21 -8.25
N SER A 15 20.72 6.26 -8.10
CA SER A 15 19.92 7.07 -9.00
C SER A 15 20.18 8.57 -8.83
N GLY A 16 20.15 9.04 -7.58
CA GLY A 16 20.41 10.44 -7.29
C GLY A 16 21.85 10.82 -7.62
N MET A 17 22.79 9.93 -7.34
CA MET A 17 24.19 10.18 -7.63
C MET A 17 24.41 10.22 -9.15
N ALA A 18 23.76 9.33 -9.91
CA ALA A 18 23.89 9.36 -11.37
C ALA A 18 23.31 10.65 -11.94
N ALA A 19 22.17 11.10 -11.40
CA ALA A 19 21.55 12.35 -11.83
C ALA A 19 22.46 13.54 -11.51
N ALA A 20 23.00 13.55 -10.31
CA ALA A 20 23.83 14.68 -9.86
C ALA A 20 25.09 14.74 -10.71
N LYS A 21 25.70 13.59 -10.98
CA LYS A 21 26.89 13.55 -11.81
C LYS A 21 26.63 14.11 -13.21
N LEU A 22 25.53 13.69 -13.84
CA LEU A 22 25.18 14.15 -15.19
C LEU A 22 24.99 15.68 -15.19
N LEU A 23 24.26 16.18 -14.20
CA LEU A 23 24.00 17.62 -14.08
C LEU A 23 25.31 18.40 -13.81
N HIS A 24 26.13 17.88 -12.91
CA HIS A 24 27.45 18.45 -12.60
C HIS A 24 28.34 18.49 -13.84
N ASP A 25 28.39 17.38 -14.57
CA ASP A 25 29.18 17.29 -15.80
C ASP A 25 28.68 18.25 -16.89
N SER A 26 27.38 18.55 -16.90
CA SER A 26 26.80 19.49 -17.83
CA SER A 26 26.78 19.50 -17.82
C SER A 26 27.04 20.96 -17.41
N GLY A 27 27.72 21.17 -16.28
CA GLY A 27 28.08 22.50 -15.81
C GLY A 27 27.10 23.17 -14.85
N LEU A 28 26.15 22.42 -14.31
CA LEU A 28 25.22 22.99 -13.31
C LEU A 28 25.73 22.81 -11.90
N ASN A 29 25.20 23.63 -11.01
CA ASN A 29 25.49 23.60 -9.59
C ASN A 29 24.46 22.73 -8.91
N VAL A 30 24.92 21.58 -8.41
CA VAL A 30 24.04 20.59 -7.79
C VAL A 30 24.36 20.39 -6.33
N VAL A 31 23.32 20.07 -5.55
CA VAL A 31 23.48 19.59 -4.19
C VAL A 31 22.73 18.28 -4.08
N VAL A 32 23.32 17.32 -3.38
CA VAL A 32 22.65 16.04 -3.07
C VAL A 32 22.35 16.04 -1.58
N LEU A 33 21.07 15.94 -1.22
CA LEU A 33 20.69 15.85 0.18
C LEU A 33 20.35 14.41 0.52
N GLU A 34 21.18 13.82 1.38
CA GLU A 34 21.07 12.39 1.71
C GLU A 34 20.73 12.25 3.18
N ALA A 35 19.69 11.48 3.48
CA ALA A 35 19.21 11.28 4.84
C ALA A 35 20.21 10.59 5.74
N ARG A 36 20.91 9.57 5.23
CA ARG A 36 21.80 8.75 6.02
C ARG A 36 23.17 9.38 6.18
N ASP A 37 23.98 8.76 7.05
CA ASP A 37 25.40 9.11 7.18
C ASP A 37 26.31 8.51 6.09
N ARG A 38 25.71 8.02 5.00
CA ARG A 38 26.44 7.40 3.91
C ARG A 38 25.61 7.55 2.66
N VAL A 39 26.27 7.44 1.51
CA VAL A 39 25.61 7.31 0.22
C VAL A 39 25.46 5.80 -0.14
N GLY A 40 24.64 5.53 -1.14
CA GLY A 40 24.47 4.18 -1.69
C GLY A 40 23.08 3.60 -1.54
N GLY A 41 22.36 4.02 -0.49
CA GLY A 41 20.95 3.64 -0.26
C GLY A 41 20.74 2.16 -0.13
N ARG A 42 20.03 1.58 -1.09
CA ARG A 42 19.77 0.11 -1.09
C ARG A 42 21.00 -0.70 -1.54
N THR A 43 22.10 -0.01 -1.88
CA THR A 43 23.43 -0.63 -1.95
C THR A 43 24.20 -0.24 -0.70
N TYR A 44 24.93 -1.20 -0.16
CA TYR A 44 25.72 -1.00 1.04
C TYR A 44 26.79 -2.07 1.07
N THR A 45 28.04 -1.65 0.99
CA THR A 45 29.18 -2.56 1.04
C THR A 45 29.82 -2.43 2.41
N LEU A 46 29.74 -3.49 3.20
CA LEU A 46 30.39 -3.55 4.49
C LEU A 46 31.84 -3.94 4.32
N ARG A 47 32.75 -3.27 5.03
CA ARG A 47 34.17 -3.65 5.05
C ARG A 47 34.60 -3.96 6.47
N ASN A 48 35.17 -5.14 6.65
CA ASN A 48 35.88 -5.51 7.88
C ASN A 48 36.91 -6.59 7.53
N GLN A 49 37.72 -6.96 8.51
CA GLN A 49 38.83 -7.86 8.25
C GLN A 49 38.37 -9.28 7.98
N LYS A 50 37.24 -9.69 8.57
CA LYS A 50 36.73 -11.04 8.37
C LYS A 50 36.18 -11.30 6.98
N VAL A 51 35.60 -10.28 6.35
CA VAL A 51 35.00 -10.43 5.00
C VAL A 51 35.72 -9.73 3.87
N LYS A 52 36.63 -8.83 4.24
CA LYS A 52 37.25 -7.85 3.37
C LYS A 52 36.21 -6.83 2.90
N TYR A 53 35.28 -7.27 2.04
CA TYR A 53 34.13 -6.46 1.66
C TYR A 53 32.96 -7.40 1.40
N VAL A 54 31.75 -6.92 1.61
CA VAL A 54 30.56 -7.69 1.23
C VAL A 54 29.39 -6.77 0.97
N ASP A 55 28.73 -7.01 -0.16
CA ASP A 55 27.50 -6.33 -0.49
C ASP A 55 26.36 -6.90 0.35
N LEU A 56 25.80 -6.07 1.22
CA LEU A 56 24.60 -6.43 1.99
C LEU A 56 23.34 -5.96 1.35
N GLY A 57 23.45 -5.05 0.36
CA GLY A 57 22.34 -4.63 -0.46
C GLY A 57 22.52 -5.12 -1.87
N GLY A 58 22.12 -4.29 -2.82
CA GLY A 58 22.21 -4.65 -4.23
C GLY A 58 23.62 -4.97 -4.64
N SER A 59 23.78 -6.02 -5.43
CA SER A 59 25.12 -6.54 -5.77
C SER A 59 25.31 -6.94 -7.22
N TYR A 60 24.37 -7.65 -7.80
CA TYR A 60 24.57 -8.29 -9.09
C TYR A 60 24.30 -7.38 -10.26
N VAL A 61 25.15 -7.51 -11.27
CA VAL A 61 24.94 -6.89 -12.55
C VAL A 61 25.12 -7.93 -13.65
N GLY A 62 24.59 -7.65 -14.83
CA GLY A 62 24.71 -8.60 -15.91
C GLY A 62 24.43 -8.06 -17.28
N PRO A 63 24.54 -8.94 -18.29
CA PRO A 63 24.30 -8.52 -19.66
C PRO A 63 22.95 -7.84 -19.84
N THR A 64 22.98 -6.84 -20.72
CA THR A 64 21.90 -5.90 -21.03
C THR A 64 21.77 -4.75 -20.02
N GLN A 65 22.53 -4.75 -18.93
CA GLN A 65 22.51 -3.66 -17.95
C GLN A 65 23.66 -2.72 -18.31
N ASN A 66 23.54 -2.07 -19.46
CA ASN A 66 24.70 -1.37 -19.99
C ASN A 66 24.98 -0.03 -19.33
N ARG A 67 23.96 0.59 -18.73
CA ARG A 67 24.13 1.87 -18.08
C ARG A 67 24.94 1.78 -16.80
N ILE A 68 24.58 0.86 -15.90
CA ILE A 68 25.35 0.64 -14.68
C ILE A 68 26.76 0.16 -15.01
N LEU A 69 26.91 -0.68 -16.03
CA LEU A 69 28.23 -1.15 -16.41
C LEU A 69 29.13 0.01 -16.90
N ARG A 70 28.55 0.88 -17.73
CA ARG A 70 29.27 2.06 -18.26
C ARG A 70 29.63 3.02 -17.14
N LEU A 71 28.66 3.32 -16.26
CA LEU A 71 28.91 4.22 -15.14
C LEU A 71 30.02 3.68 -14.26
N ALA A 72 29.88 2.42 -13.88
CA ALA A 72 30.87 1.78 -13.02
C ALA A 72 32.27 1.78 -13.69
N LYS A 73 32.31 1.46 -14.97
CA LYS A 73 33.58 1.42 -15.70
C LYS A 73 34.25 2.79 -15.71
N GLU A 74 33.48 3.83 -15.97
CA GLU A 74 33.96 5.21 -15.97
C GLU A 74 34.55 5.60 -14.61
N LEU A 75 33.96 5.09 -13.53
CA LEU A 75 34.45 5.33 -12.19
C LEU A 75 35.66 4.49 -11.77
N GLY A 76 36.14 3.62 -12.67
CA GLY A 76 37.34 2.81 -12.42
C GLY A 76 37.06 1.46 -11.80
N LEU A 77 35.80 1.00 -11.84
CA LEU A 77 35.43 -0.29 -11.26
C LEU A 77 35.51 -1.44 -12.26
N GLU A 78 35.67 -2.65 -11.72
CA GLU A 78 35.77 -3.89 -12.49
C GLU A 78 34.70 -4.86 -11.98
N THR A 79 34.31 -5.80 -12.84
CA THR A 79 33.43 -6.89 -12.43
C THR A 79 34.15 -8.23 -12.41
N TYR A 80 33.51 -9.19 -11.76
CA TYR A 80 33.91 -10.58 -11.88
C TYR A 80 32.65 -11.46 -11.94
N LYS A 81 32.80 -12.66 -12.48
CA LYS A 81 31.65 -13.56 -12.62
C LYS A 81 31.37 -14.31 -11.33
N VAL A 82 30.09 -14.34 -10.98
CA VAL A 82 29.59 -15.18 -9.88
C VAL A 82 29.85 -16.64 -10.28
N ASN A 83 30.24 -17.47 -9.32
CA ASN A 83 30.57 -18.84 -9.65
C ASN A 83 29.36 -19.68 -10.11
N GLU A 84 29.39 -20.11 -11.36
CA GLU A 84 28.42 -21.07 -11.89
C GLU A 84 29.12 -22.18 -12.70
N VAL A 85 30.33 -22.55 -12.28
CA VAL A 85 31.10 -23.58 -12.99
C VAL A 85 30.46 -24.95 -12.79
N GLU A 86 30.13 -25.27 -11.54
CA GLU A 86 29.61 -26.59 -11.18
C GLU A 86 28.06 -26.60 -11.23
N ARG A 87 27.43 -27.67 -10.71
CA ARG A 87 25.99 -27.88 -10.86
C ARG A 87 25.19 -26.99 -9.91
N LEU A 88 24.02 -26.56 -10.38
CA LEU A 88 23.03 -25.89 -9.53
C LEU A 88 22.26 -26.98 -8.78
N ILE A 89 21.57 -26.62 -7.70
CA ILE A 89 20.73 -27.59 -6.97
C ILE A 89 19.29 -27.07 -6.90
N HIS A 90 18.32 -27.92 -7.26
CA HIS A 90 16.92 -27.67 -6.95
C HIS A 90 16.54 -28.66 -5.85
N HIS A 91 16.15 -28.13 -4.70
CA HIS A 91 15.79 -28.92 -3.54
C HIS A 91 14.27 -28.87 -3.40
N VAL A 92 13.64 -30.04 -3.57
CA VAL A 92 12.18 -30.16 -3.59
C VAL A 92 11.78 -31.36 -2.78
N LYS A 93 10.76 -31.19 -1.92
CA LYS A 93 10.25 -32.29 -1.07
C LYS A 93 11.37 -33.02 -0.30
N GLY A 94 12.26 -32.25 0.30
CA GLY A 94 13.29 -32.79 1.13
C GLY A 94 14.50 -33.40 0.46
N LYS A 95 14.61 -33.32 -0.87
CA LYS A 95 15.72 -33.92 -1.62
C LYS A 95 16.33 -32.94 -2.62
N SER A 96 17.61 -33.10 -2.87
CA SER A 96 18.34 -32.24 -3.80
C SER A 96 18.52 -32.90 -5.16
N TYR A 97 18.27 -32.14 -6.21
CA TYR A 97 18.38 -32.58 -7.60
C TYR A 97 19.31 -31.64 -8.34
N PRO A 98 20.56 -32.07 -8.54
CA PRO A 98 21.48 -31.19 -9.27
C PRO A 98 21.12 -31.06 -10.74
N PHE A 99 21.45 -29.92 -11.31
CA PHE A 99 21.17 -29.65 -12.71
C PHE A 99 22.09 -28.59 -13.30
N ARG A 100 22.00 -28.46 -14.61
CA ARG A 100 22.67 -27.40 -15.37
C ARG A 100 21.66 -26.68 -16.24
N GLY A 101 21.98 -25.45 -16.63
CA GLY A 101 21.10 -24.62 -17.46
C GLY A 101 20.35 -23.79 -16.45
N PRO A 102 19.69 -22.71 -16.90
CA PRO A 102 19.10 -21.79 -15.93
C PRO A 102 17.81 -22.28 -15.27
N PHE A 103 16.99 -23.02 -16.03
CA PHE A 103 15.69 -23.48 -15.54
C PHE A 103 15.80 -24.83 -14.84
N PRO A 104 15.30 -24.91 -13.59
CA PRO A 104 15.23 -26.20 -12.94
C PRO A 104 14.33 -27.17 -13.75
N PRO A 105 14.91 -28.32 -14.17
CA PRO A 105 14.22 -29.20 -15.09
C PRO A 105 13.31 -30.21 -14.39
N VAL A 106 12.45 -30.83 -15.20
CA VAL A 106 11.57 -31.88 -14.71
C VAL A 106 11.53 -32.99 -15.74
N TRP A 107 11.22 -34.19 -15.27
CA TRP A 107 11.20 -35.39 -16.10
C TRP A 107 9.80 -35.85 -16.46
N ASN A 108 8.87 -35.75 -15.51
CA ASN A 108 7.51 -36.16 -15.75
C ASN A 108 6.94 -35.38 -16.97
N PRO A 109 6.51 -36.10 -18.02
CA PRO A 109 6.05 -35.44 -19.23
C PRO A 109 4.94 -34.40 -19.04
N ILE A 110 3.97 -34.67 -18.17
CA ILE A 110 2.88 -33.72 -17.93
C ILE A 110 3.43 -32.48 -17.22
N THR A 111 4.25 -32.71 -16.21
CA THR A 111 4.90 -31.64 -15.45
C THR A 111 5.82 -30.83 -16.37
N TYR A 112 6.51 -31.51 -17.27
CA TYR A 112 7.35 -30.85 -18.27
C TYR A 112 6.53 -29.88 -19.12
N LEU A 113 5.38 -30.33 -19.63
CA LEU A 113 4.52 -29.44 -20.43
C LEU A 113 4.05 -28.24 -19.59
N ASP A 114 3.72 -28.51 -18.34
CA ASP A 114 3.21 -27.45 -17.45
C ASP A 114 4.28 -26.41 -17.15
N HIS A 115 5.49 -26.88 -16.84
CA HIS A 115 6.62 -25.94 -16.60
C HIS A 115 6.94 -25.15 -17.86
N ASN A 116 7.03 -25.84 -19.00
CA ASN A 116 7.34 -25.16 -20.25
C ASN A 116 6.31 -24.08 -20.54
N ASN A 117 5.04 -24.42 -20.35
CA ASN A 117 3.96 -23.49 -20.62
C ASN A 117 3.97 -22.33 -19.62
N PHE A 118 4.33 -22.60 -18.37
CA PHE A 118 4.34 -21.54 -17.37
C PHE A 118 5.30 -20.42 -17.80
N TRP A 119 6.56 -20.77 -18.06
CA TRP A 119 7.57 -19.78 -18.40
C TRP A 119 7.23 -19.10 -19.73
N ARG A 120 6.81 -19.91 -20.72
CA ARG A 120 6.41 -19.38 -22.02
C ARG A 120 5.30 -18.35 -21.88
N THR A 121 4.31 -18.67 -21.06
CA THR A 121 3.15 -17.81 -20.89
C THR A 121 3.51 -16.49 -20.18
N MET A 122 4.40 -16.54 -19.20
CA MET A 122 4.89 -15.32 -18.58
C MET A 122 5.42 -14.38 -19.65
N ASP A 123 6.20 -14.92 -20.58
CA ASP A 123 6.80 -14.11 -21.62
C ASP A 123 5.77 -13.71 -22.69
N ASP A 124 4.85 -14.62 -23.04
CA ASP A 124 3.79 -14.29 -24.01
C ASP A 124 2.97 -13.09 -23.52
N MET A 125 2.56 -13.16 -22.26
CA MET A 125 1.83 -12.06 -21.66
C MET A 125 2.66 -10.80 -21.60
N GLY A 126 3.94 -10.93 -21.25
CA GLY A 126 4.84 -9.79 -21.20
C GLY A 126 4.92 -9.03 -22.52
N ARG A 127 4.86 -9.74 -23.64
CA ARG A 127 4.99 -9.09 -24.95
C ARG A 127 3.80 -8.18 -25.27
N GLU A 128 2.69 -8.37 -24.56
CA GLU A 128 1.52 -7.49 -24.66
C GLU A 128 1.65 -6.18 -23.89
N ILE A 129 2.67 -6.05 -23.05
CA ILE A 129 2.76 -4.97 -22.07
C ILE A 129 3.88 -3.99 -22.45
N PRO A 130 3.52 -2.74 -22.80
CA PRO A 130 4.58 -1.77 -23.13
C PRO A 130 5.44 -1.46 -21.90
N SER A 131 6.76 -1.52 -22.05
CA SER A 131 7.69 -1.24 -20.94
C SER A 131 7.51 0.14 -20.35
N ASP A 132 7.19 1.13 -21.19
CA ASP A 132 7.03 2.50 -20.72
C ASP A 132 5.61 2.88 -20.35
N ALA A 133 4.66 1.94 -20.47
CA ALA A 133 3.25 2.22 -20.21
C ALA A 133 2.48 0.93 -20.02
N PRO A 134 2.77 0.19 -18.93
CA PRO A 134 2.10 -1.12 -18.78
C PRO A 134 0.57 -1.07 -18.74
N TRP A 135 0.03 0.03 -18.23
CA TRP A 135 -1.41 0.29 -18.18
C TRP A 135 -2.06 0.36 -19.58
N LYS A 136 -1.24 0.47 -20.63
CA LYS A 136 -1.72 0.41 -22.02
C LYS A 136 -1.85 -0.99 -22.61
N ALA A 137 -1.46 -2.02 -21.87
CA ALA A 137 -1.67 -3.40 -22.32
C ALA A 137 -3.16 -3.61 -22.64
N PRO A 138 -3.47 -4.39 -23.71
CA PRO A 138 -4.89 -4.56 -24.05
C PRO A 138 -5.77 -5.09 -22.92
N LEU A 139 -5.25 -5.98 -22.08
CA LEU A 139 -6.01 -6.54 -20.97
C LEU A 139 -5.47 -6.03 -19.63
N ALA A 140 -5.02 -4.78 -19.63
CA ALA A 140 -4.36 -4.22 -18.46
C ALA A 140 -5.26 -4.33 -17.24
N GLU A 141 -6.52 -3.94 -17.40
CA GLU A 141 -7.44 -3.92 -16.27
C GLU A 141 -7.67 -5.33 -15.73
N GLU A 142 -8.03 -6.25 -16.61
CA GLU A 142 -8.20 -7.65 -16.24
C GLU A 142 -6.96 -8.19 -15.51
N TRP A 143 -5.77 -7.95 -16.06
CA TRP A 143 -4.56 -8.48 -15.44
C TRP A 143 -4.19 -7.75 -14.14
N ASP A 144 -4.49 -6.46 -14.06
CA ASP A 144 -4.16 -5.69 -12.86
C ASP A 144 -5.10 -5.99 -11.70
N ASN A 145 -6.29 -6.51 -12.02
CA ASN A 145 -7.31 -6.82 -11.02
C ASN A 145 -7.21 -8.23 -10.45
N MET A 146 -6.16 -8.97 -10.81
CA MET A 146 -5.88 -10.25 -10.20
C MET A 146 -4.47 -10.20 -9.60
N THR A 147 -4.29 -11.01 -8.56
CA THR A 147 -2.96 -11.19 -7.98
C THR A 147 -2.18 -12.21 -8.77
N MET A 148 -0.89 -12.26 -8.55
CA MET A 148 -0.11 -13.38 -9.11
C MET A 148 -0.57 -14.73 -8.60
N LYS A 149 -1.07 -14.80 -7.37
CA LYS A 149 -1.59 -16.07 -6.84
C LYS A 149 -2.73 -16.57 -7.75
N GLU A 150 -3.67 -15.68 -8.07
CA GLU A 150 -4.78 -16.03 -8.94
C GLU A 150 -4.30 -16.48 -10.29
N LEU A 151 -3.32 -15.79 -10.86
CA LEU A 151 -2.82 -16.15 -12.16
C LEU A 151 -2.17 -17.54 -12.16
N LEU A 152 -1.32 -17.81 -11.17
CA LEU A 152 -0.68 -19.12 -11.04
C LEU A 152 -1.69 -20.24 -10.82
N ASP A 153 -2.71 -19.97 -10.01
CA ASP A 153 -3.80 -20.93 -9.80
C ASP A 153 -4.50 -21.31 -11.13
N LYS A 154 -4.69 -20.34 -12.02
CA LYS A 154 -5.26 -20.60 -13.34
C LYS A 154 -4.28 -21.31 -14.28
N LEU A 155 -3.02 -20.88 -14.24
CA LEU A 155 -2.01 -21.31 -15.22
C LEU A 155 -1.37 -22.67 -14.96
N CYS A 156 -1.10 -22.96 -13.70
CA CYS A 156 -0.30 -24.11 -13.31
C CYS A 156 -1.19 -25.30 -13.04
N TRP A 157 -1.11 -26.29 -13.91
CA TRP A 157 -1.88 -27.53 -13.76
C TRP A 157 -1.18 -28.56 -12.90
N THR A 158 0.04 -28.26 -12.46
CA THR A 158 0.73 -29.13 -11.52
C THR A 158 1.18 -28.34 -10.30
N GLU A 159 1.24 -29.01 -9.16
CA GLU A 159 1.80 -28.38 -7.96
C GLU A 159 3.29 -28.10 -8.15
N SER A 160 3.99 -28.94 -8.92
CA SER A 160 5.40 -28.73 -9.18
C SER A 160 5.66 -27.36 -9.81
N ALA A 161 4.90 -27.06 -10.85
CA ALA A 161 5.04 -25.75 -11.53
C ALA A 161 4.61 -24.63 -10.61
N LYS A 162 3.51 -24.84 -9.88
CA LYS A 162 3.01 -23.77 -9.01
C LYS A 162 4.01 -23.43 -7.92
N GLN A 163 4.67 -24.44 -7.34
CA GLN A 163 5.66 -24.23 -6.28
C GLN A 163 6.87 -23.48 -6.81
N LEU A 164 7.36 -23.87 -7.99
CA LEU A 164 8.50 -23.17 -8.58
C LEU A 164 8.14 -21.75 -8.98
N ALA A 165 6.97 -21.58 -9.57
CA ALA A 165 6.49 -20.25 -9.99
C ALA A 165 6.35 -19.33 -8.78
N THR A 166 5.88 -19.89 -7.68
CA THR A 166 5.75 -19.14 -6.42
C THR A 166 7.10 -18.64 -5.92
N LEU A 167 8.08 -19.54 -5.91
CA LEU A 167 9.44 -19.15 -5.54
C LEU A 167 9.97 -18.07 -6.45
N PHE A 168 9.69 -18.21 -7.76
CA PHE A 168 10.11 -17.20 -8.78
C PHE A 168 9.62 -15.81 -8.41
N VAL A 169 8.34 -15.71 -8.07
CA VAL A 169 7.75 -14.43 -7.69
C VAL A 169 8.39 -13.92 -6.38
N ASN A 170 8.44 -14.79 -5.38
CA ASN A 170 9.02 -14.41 -4.08
C ASN A 170 10.44 -13.86 -4.23
N LEU A 171 11.23 -14.51 -5.07
CA LEU A 171 12.64 -14.18 -5.25
C LEU A 171 12.84 -12.96 -6.10
N CYS A 172 12.00 -12.79 -7.11
CA CYS A 172 12.09 -11.66 -8.03
CA CYS A 172 12.11 -11.69 -8.02
C CYS A 172 11.66 -10.36 -7.39
N VAL A 173 10.58 -10.40 -6.60
CA VAL A 173 9.99 -9.18 -6.07
C VAL A 173 9.77 -9.15 -4.53
N THR A 174 10.42 -10.08 -3.81
CA THR A 174 10.42 -10.15 -2.33
C THR A 174 9.03 -9.91 -1.73
N ALA A 175 8.04 -10.56 -2.35
CA ALA A 175 6.66 -10.41 -1.95
C ALA A 175 5.93 -11.69 -2.29
N GLU A 176 4.79 -11.87 -1.65
CA GLU A 176 4.00 -13.07 -1.83
C GLU A 176 3.19 -12.96 -3.10
N THR A 177 2.80 -14.08 -3.66
CA THR A 177 2.06 -14.08 -4.92
C THR A 177 0.69 -13.39 -4.75
N HIS A 178 0.10 -13.54 -3.57
CA HIS A 178 -1.19 -12.90 -3.29
C HIS A 178 -1.09 -11.41 -2.97
N GLU A 179 0.13 -10.89 -2.79
CA GLU A 179 0.34 -9.48 -2.49
C GLU A 179 0.42 -8.60 -3.73
N VAL A 180 0.80 -9.18 -4.87
CA VAL A 180 1.20 -8.39 -6.04
C VAL A 180 0.24 -8.54 -7.21
N SER A 181 0.03 -7.43 -7.92
CA SER A 181 -0.69 -7.42 -9.17
C SER A 181 -0.02 -8.32 -10.22
N ALA A 182 -0.84 -9.10 -10.94
CA ALA A 182 -0.34 -9.89 -12.07
C ALA A 182 0.18 -9.00 -13.19
N LEU A 183 -0.55 -7.93 -13.53
CA LEU A 183 -0.05 -6.99 -14.55
C LEU A 183 1.31 -6.43 -14.18
N TRP A 184 1.41 -5.92 -12.95
CA TRP A 184 2.67 -5.34 -12.52
C TRP A 184 3.81 -6.39 -12.56
N PHE A 185 3.58 -7.60 -12.06
CA PHE A 185 4.64 -8.61 -12.03
C PHE A 185 5.05 -8.97 -13.47
N LEU A 186 4.07 -9.14 -14.35
CA LEU A 186 4.37 -9.46 -15.76
C LEU A 186 5.16 -8.34 -16.44
N TRP A 187 4.82 -7.08 -16.16
CA TRP A 187 5.60 -5.93 -16.61
C TRP A 187 7.01 -6.03 -16.08
N TYR A 188 7.14 -6.24 -14.76
CA TYR A 188 8.44 -6.26 -14.11
C TYR A 188 9.41 -7.24 -14.78
N VAL A 189 8.93 -8.44 -15.08
CA VAL A 189 9.75 -9.46 -15.69
C VAL A 189 10.08 -9.07 -17.14
N LYS A 190 9.07 -8.64 -17.88
CA LYS A 190 9.26 -8.27 -19.28
C LYS A 190 10.27 -7.12 -19.44
N GLN A 191 10.19 -6.14 -18.54
CA GLN A 191 11.09 -4.98 -18.61
C GLN A 191 12.53 -5.27 -18.15
N CYS A 192 12.79 -6.48 -17.66
CA CYS A 192 14.16 -6.97 -17.46
C CYS A 192 14.62 -7.85 -18.61
N GLY A 193 13.79 -8.05 -19.62
CA GLY A 193 14.14 -8.85 -20.80
C GLY A 193 13.54 -10.24 -20.79
N GLY A 194 12.67 -10.54 -19.81
CA GLY A 194 11.94 -11.78 -19.78
C GLY A 194 12.47 -12.80 -18.78
N THR A 195 11.81 -13.95 -18.75
CA THR A 195 12.04 -14.95 -17.72
C THR A 195 13.48 -15.43 -17.74
N THR A 196 13.98 -15.81 -18.91
CA THR A 196 15.34 -16.36 -18.97
C THR A 196 16.39 -15.38 -18.46
N ARG A 197 16.30 -14.14 -18.94
CA ARG A 197 17.26 -13.12 -18.55
C ARG A 197 17.20 -12.83 -17.06
N ILE A 198 16.00 -12.74 -16.50
CA ILE A 198 15.88 -12.35 -15.08
C ILE A 198 16.35 -13.45 -14.13
N ILE A 199 16.16 -14.72 -14.50
CA ILE A 199 16.52 -15.83 -13.62
C ILE A 199 17.94 -16.32 -13.77
N SER A 200 18.64 -15.89 -14.82
CA SER A 200 19.93 -16.48 -15.12
C SER A 200 21.08 -15.80 -14.40
N THR A 201 22.05 -16.63 -14.03
CA THR A 201 23.34 -16.16 -13.54
C THR A 201 24.18 -15.95 -14.80
N THR A 202 24.75 -17.03 -15.35
CA THR A 202 25.38 -16.93 -16.68
C THR A 202 24.37 -16.42 -17.70
N ASN A 203 24.73 -15.35 -18.42
CA ASN A 203 23.84 -14.69 -19.42
C ASN A 203 22.61 -13.97 -18.86
N GLY A 204 22.60 -13.69 -17.56
CA GLY A 204 21.48 -12.96 -16.97
C GLY A 204 21.83 -12.00 -15.87
N GLY A 205 20.79 -11.60 -15.14
CA GLY A 205 20.91 -10.57 -14.12
C GLY A 205 21.93 -10.83 -13.03
N GLN A 206 22.17 -12.11 -12.72
CA GLN A 206 23.06 -12.47 -11.60
C GLN A 206 24.48 -12.85 -12.06
N GLU A 207 24.87 -12.46 -13.27
CA GLU A 207 26.14 -12.93 -13.83
C GLU A 207 27.36 -12.44 -13.06
N ARG A 208 27.33 -11.19 -12.62
CA ARG A 208 28.53 -10.55 -12.08
C ARG A 208 28.30 -9.73 -10.83
N LYS A 209 29.39 -9.45 -10.14
CA LYS A 209 29.44 -8.52 -9.05
C LYS A 209 30.60 -7.57 -9.31
N PHE A 210 30.60 -6.46 -8.61
CA PHE A 210 31.71 -5.50 -8.68
C PHE A 210 32.81 -5.94 -7.73
N VAL A 211 34.03 -5.91 -8.25
CA VAL A 211 35.19 -6.10 -7.40
C VAL A 211 35.26 -4.95 -6.40
N GLY A 212 35.20 -5.31 -5.13
CA GLY A 212 35.20 -4.36 -4.03
C GLY A 212 33.85 -3.85 -3.55
N GLY A 213 32.75 -4.28 -4.19
CA GLY A 213 31.40 -3.92 -3.78
C GLY A 213 30.75 -2.83 -4.62
N SER A 214 29.42 -2.89 -4.70
CA SER A 214 28.64 -1.94 -5.46
C SER A 214 28.54 -0.57 -4.80
N GLY A 215 28.77 -0.50 -3.48
CA GLY A 215 28.79 0.76 -2.76
C GLY A 215 29.76 1.78 -3.32
N GLN A 216 30.81 1.28 -3.98
CA GLN A 216 31.80 2.12 -4.60
C GLN A 216 31.26 3.02 -5.69
N VAL A 217 30.16 2.62 -6.35
CA VAL A 217 29.57 3.47 -7.38
C VAL A 217 29.14 4.80 -6.78
N SER A 218 28.32 4.75 -5.73
CA SER A 218 27.85 5.94 -5.09
C SER A 218 29.00 6.70 -4.39
N GLU A 219 29.90 5.95 -3.76
CA GLU A 219 31.03 6.56 -3.05
C GLU A 219 31.94 7.37 -3.99
N ARG A 220 32.25 6.80 -5.16
CA ARG A 220 33.15 7.45 -6.10
C ARG A 220 32.51 8.65 -6.75
N ILE A 221 31.19 8.61 -6.95
CA ILE A 221 30.48 9.80 -7.40
C ILE A 221 30.50 10.86 -6.31
N MET A 222 30.34 10.48 -5.04
CA MET A 222 30.48 11.44 -3.95
C MET A 222 31.88 12.12 -3.97
N ASP A 223 32.91 11.33 -4.25
CA ASP A 223 34.29 11.86 -4.32
C ASP A 223 34.40 12.92 -5.42
N LEU A 224 33.83 12.65 -6.59
CA LEU A 224 33.78 13.62 -7.69
C LEU A 224 33.00 14.88 -7.37
N LEU A 225 31.92 14.74 -6.59
CA LEU A 225 31.07 15.89 -6.26
C LEU A 225 31.59 16.71 -5.06
N GLY A 226 32.50 16.15 -4.27
CA GLY A 226 33.04 16.82 -3.09
C GLY A 226 31.97 17.20 -2.09
N ASP A 227 32.05 18.43 -1.59
CA ASP A 227 31.13 18.88 -0.55
C ASP A 227 29.69 19.17 -1.02
N ARG A 228 29.41 18.96 -2.30
CA ARG A 228 28.05 19.08 -2.81
C ARG A 228 27.10 18.00 -2.22
N VAL A 229 27.65 16.90 -1.75
CA VAL A 229 26.84 15.86 -1.09
C VAL A 229 26.73 16.18 0.39
N LYS A 230 25.49 16.31 0.86
CA LYS A 230 25.21 16.63 2.23
C LYS A 230 24.60 15.40 2.91
N LEU A 231 25.41 14.75 3.75
CA LEU A 231 24.96 13.59 4.53
C LEU A 231 24.23 14.00 5.80
N GLU A 232 23.34 13.13 6.27
CA GLU A 232 22.49 13.41 7.44
C GLU A 232 21.67 14.69 7.22
N ARG A 233 21.13 14.82 6.00
CA ARG A 233 20.18 15.83 5.62
C ARG A 233 18.89 15.18 5.11
N PRO A 234 18.08 14.59 6.01
CA PRO A 234 16.77 14.13 5.54
C PRO A 234 15.90 15.29 5.17
N VAL A 235 15.32 15.24 3.97
CA VAL A 235 14.45 16.29 3.50
C VAL A 235 13.07 16.09 4.14
N ILE A 236 12.53 17.18 4.68
CA ILE A 236 11.22 17.20 5.35
C ILE A 236 10.16 18.05 4.67
N TYR A 237 10.55 18.95 3.78
CA TYR A 237 9.65 19.98 3.26
C TYR A 237 10.12 20.50 1.94
N ILE A 238 9.20 20.56 0.97
CA ILE A 238 9.46 21.13 -0.33
C ILE A 238 8.35 22.15 -0.61
N ASP A 239 8.76 23.38 -0.89
CA ASP A 239 7.86 24.52 -1.10
C ASP A 239 8.12 25.05 -2.50
N GLN A 240 7.12 24.91 -3.37
CA GLN A 240 7.18 25.42 -4.74
C GLN A 240 6.28 26.63 -5.00
N THR A 241 5.87 27.34 -3.94
CA THR A 241 4.96 28.48 -4.11
C THR A 241 5.67 29.74 -4.60
N ARG A 242 7.00 29.79 -4.53
CA ARG A 242 7.79 30.98 -4.91
C ARG A 242 8.57 30.75 -6.20
N GLU A 243 9.33 31.76 -6.62
CA GLU A 243 10.11 31.72 -7.86
C GLU A 243 11.12 30.57 -7.87
N ASN A 244 11.84 30.41 -6.77
CA ASN A 244 12.76 29.28 -6.58
C ASN A 244 12.12 28.28 -5.63
N VAL A 245 12.45 27.01 -5.83
CA VAL A 245 11.97 25.94 -4.93
C VAL A 245 12.79 25.98 -3.64
N LEU A 246 12.11 25.82 -2.51
CA LEU A 246 12.77 25.75 -1.22
C LEU A 246 12.70 24.32 -0.71
N VAL A 247 13.85 23.77 -0.31
CA VAL A 247 13.95 22.41 0.21
C VAL A 247 14.56 22.48 1.60
N GLU A 248 13.79 22.04 2.60
CA GLU A 248 14.23 22.07 4.00
C GLU A 248 14.57 20.68 4.50
N THR A 249 15.61 20.61 5.33
CA THR A 249 16.04 19.34 5.91
C THR A 249 15.71 19.26 7.40
N LEU A 250 15.76 18.05 7.94
CA LEU A 250 15.44 17.80 9.34
C LEU A 250 16.38 18.53 10.30
N ASN A 251 17.65 18.64 9.92
CA ASN A 251 18.69 19.29 10.72
C ASN A 251 18.69 20.80 10.55
N HIS A 252 17.57 21.37 10.08
CA HIS A 252 17.34 22.79 10.08
C HIS A 252 18.21 23.57 9.09
N GLU A 253 18.28 23.08 7.85
CA GLU A 253 18.94 23.81 6.77
C GLU A 253 17.93 24.04 5.65
N MET A 254 18.10 25.13 4.92
CA MET A 254 17.26 25.44 3.77
C MET A 254 18.11 25.50 2.52
N TYR A 255 17.64 24.85 1.46
CA TYR A 255 18.28 24.87 0.18
C TYR A 255 17.32 25.49 -0.83
N GLU A 256 17.89 26.28 -1.74
CA GLU A 256 17.12 26.98 -2.74
C GLU A 256 17.60 26.56 -4.12
N ALA A 257 16.66 26.17 -4.99
CA ALA A 257 17.00 25.63 -6.30
C ALA A 257 16.00 26.00 -7.38
N LYS A 258 16.42 25.90 -8.63
CA LYS A 258 15.53 26.05 -9.77
C LYS A 258 14.62 24.83 -9.93
N TYR A 259 15.17 23.63 -9.70
CA TYR A 259 14.43 22.37 -9.85
C TYR A 259 14.88 21.37 -8.80
N VAL A 260 14.06 20.34 -8.61
CA VAL A 260 14.37 19.27 -7.66
C VAL A 260 14.25 17.93 -8.37
N ILE A 261 15.17 17.03 -8.07
CA ILE A 261 15.01 15.61 -8.44
C ILE A 261 14.73 14.82 -7.16
N SER A 262 13.58 14.14 -7.12
CA SER A 262 13.25 13.20 -6.06
C SER A 262 13.80 11.83 -6.50
N ALA A 263 14.87 11.37 -5.84
CA ALA A 263 15.53 10.11 -6.18
C ALA A 263 15.40 9.09 -5.04
N ILE A 264 14.22 9.08 -4.41
CA ILE A 264 13.91 8.22 -3.26
C ILE A 264 12.79 7.25 -3.68
N PRO A 265 12.67 6.12 -3.00
CA PRO A 265 11.54 5.22 -3.30
C PRO A 265 10.20 5.98 -3.27
N PRO A 266 9.28 5.67 -4.19
CA PRO A 266 8.09 6.50 -4.28
C PRO A 266 7.36 6.72 -2.96
N THR A 267 7.12 5.66 -2.20
CA THR A 267 6.40 5.82 -0.93
C THR A 267 7.13 6.70 0.09
N LEU A 268 8.45 6.77 0.02
CA LEU A 268 9.21 7.63 0.95
C LEU A 268 9.03 9.13 0.66
N GLY A 269 8.39 9.47 -0.45
CA GLY A 269 7.83 10.80 -0.66
C GLY A 269 6.87 11.24 0.45
N MET A 270 6.26 10.28 1.14
CA MET A 270 5.39 10.57 2.28
C MET A 270 6.13 11.27 3.42
N LYS A 271 7.44 11.09 3.50
CA LYS A 271 8.21 11.69 4.58
C LYS A 271 8.42 13.20 4.36
N ILE A 272 7.98 13.72 3.22
CA ILE A 272 8.16 15.12 2.88
C ILE A 272 6.78 15.76 2.90
N HIS A 273 6.70 16.94 3.52
CA HIS A 273 5.49 17.73 3.53
C HIS A 273 5.60 18.70 2.35
N PHE A 274 4.56 18.75 1.53
CA PHE A 274 4.58 19.52 0.30
C PHE A 274 3.71 20.76 0.37
N ASN A 275 4.25 21.85 -0.16
CA ASN A 275 3.52 23.11 -0.33
C ASN A 275 3.75 23.58 -1.76
N PRO A 276 2.71 23.72 -2.57
CA PRO A 276 1.34 23.32 -2.27
C PRO A 276 1.23 21.79 -2.14
N PRO A 277 0.08 21.29 -1.66
CA PRO A 277 -0.11 19.85 -1.59
C PRO A 277 0.11 19.19 -2.96
N LEU A 278 0.53 17.94 -2.94
CA LEU A 278 0.66 17.19 -4.18
C LEU A 278 -0.69 17.10 -4.88
N PRO A 279 -0.68 17.01 -6.23
CA PRO A 279 -1.92 16.67 -6.92
C PRO A 279 -2.49 15.35 -6.40
N MET A 280 -3.81 15.24 -6.42
CA MET A 280 -4.55 14.09 -5.89
C MET A 280 -3.94 12.73 -6.25
N MET A 281 -3.64 12.52 -7.53
CA MET A 281 -3.23 11.18 -7.94
C MET A 281 -1.89 10.79 -7.30
N ARG A 282 -0.92 11.68 -7.29
CA ARG A 282 0.33 11.40 -6.58
C ARG A 282 0.15 11.30 -5.06
N ASN A 283 -0.65 12.18 -4.47
CA ASN A 283 -0.97 12.13 -3.03
C ASN A 283 -1.39 10.72 -2.61
N GLN A 284 -2.30 10.12 -3.36
CA GLN A 284 -2.75 8.77 -3.04
C GLN A 284 -1.78 7.70 -3.53
N MET A 285 -1.13 7.91 -4.66
CA MET A 285 -0.23 6.87 -5.20
C MET A 285 0.85 6.51 -4.17
N ILE A 286 1.42 7.51 -3.50
CA ILE A 286 2.54 7.28 -2.59
C ILE A 286 2.17 6.58 -1.28
N THR A 287 0.88 6.29 -1.07
CA THR A 287 0.40 5.46 0.04
C THR A 287 0.03 4.04 -0.40
N ARG A 288 0.24 3.73 -1.68
CA ARG A 288 -0.25 2.50 -2.29
C ARG A 288 0.85 1.59 -2.84
N VAL A 289 2.12 1.93 -2.58
CA VAL A 289 3.25 1.33 -3.28
C VAL A 289 4.34 0.93 -2.25
N PRO A 290 4.10 -0.17 -1.53
CA PRO A 290 5.08 -0.66 -0.56
C PRO A 290 6.32 -1.26 -1.21
N LEU A 291 7.38 -1.40 -0.43
CA LEU A 291 8.54 -2.19 -0.85
C LEU A 291 8.48 -3.58 -0.26
N GLY A 292 9.15 -4.52 -0.92
CA GLY A 292 9.23 -5.89 -0.46
C GLY A 292 10.05 -6.10 0.78
N SER A 293 10.18 -7.36 1.15
CA SER A 293 10.76 -7.74 2.45
C SER A 293 11.84 -8.79 2.24
N VAL A 294 13.05 -8.53 2.73
CA VAL A 294 14.14 -9.47 2.52
C VAL A 294 15.23 -9.28 3.56
N ILE A 295 15.78 -10.41 4.02
CA ILE A 295 17.03 -10.39 4.79
C ILE A 295 18.08 -11.04 3.89
N LYS A 296 19.18 -10.33 3.65
CA LYS A 296 20.28 -10.89 2.90
C LYS A 296 21.31 -11.41 3.90
N CYS A 297 21.66 -12.68 3.78
CA CYS A 297 22.46 -13.39 4.78
C CYS A 297 23.67 -14.01 4.12
N ILE A 298 24.86 -13.76 4.65
CA ILE A 298 26.10 -14.34 4.07
C ILE A 298 26.82 -15.17 5.14
N VAL A 299 26.94 -16.47 4.89
CA VAL A 299 27.61 -17.41 5.77
C VAL A 299 28.96 -17.73 5.17
N TYR A 300 30.01 -17.54 5.98
CA TYR A 300 31.39 -17.72 5.57
C TYR A 300 31.92 -19.05 6.05
N TYR A 301 32.76 -19.65 5.20
CA TYR A 301 33.39 -20.93 5.47
C TYR A 301 34.87 -20.89 5.20
N LYS A 302 35.59 -21.87 5.72
CA LYS A 302 37.04 -21.96 5.51
C LYS A 302 37.38 -22.12 4.04
N GLU A 303 36.58 -22.89 3.30
CA GLU A 303 36.79 -23.18 1.89
C GLU A 303 35.44 -23.30 1.18
N PRO A 304 35.40 -23.12 -0.16
CA PRO A 304 34.17 -23.32 -0.92
C PRO A 304 33.97 -24.82 -1.18
N PHE A 305 33.68 -25.52 -0.08
CA PHE A 305 33.66 -26.98 -0.03
C PHE A 305 32.63 -27.61 -0.97
N TRP A 306 31.58 -26.88 -1.27
CA TRP A 306 30.54 -27.32 -2.19
C TRP A 306 31.06 -27.60 -3.60
N ARG A 307 32.08 -26.85 -4.02
CA ARG A 307 32.71 -27.05 -5.33
C ARG A 307 33.35 -28.41 -5.49
N LYS A 308 33.86 -28.97 -4.40
CA LYS A 308 34.46 -30.31 -4.41
C LYS A 308 33.44 -31.42 -4.66
N LYS A 309 32.17 -31.16 -4.37
CA LYS A 309 31.07 -32.06 -4.69
C LYS A 309 30.38 -31.74 -6.01
N ASP A 310 31.01 -30.89 -6.82
CA ASP A 310 30.49 -30.45 -8.09
C ASP A 310 29.17 -29.69 -7.95
N TYR A 311 29.08 -28.86 -6.91
CA TYR A 311 27.99 -27.91 -6.72
C TYR A 311 28.56 -26.52 -6.80
N CYS A 312 27.94 -25.61 -7.57
CA CYS A 312 28.48 -24.26 -7.71
C CYS A 312 28.14 -23.38 -6.51
N GLY A 313 27.14 -23.76 -5.72
CA GLY A 313 26.72 -22.95 -4.57
C GLY A 313 25.31 -22.39 -4.74
N THR A 314 24.75 -22.53 -5.94
CA THR A 314 23.39 -22.11 -6.22
C THR A 314 22.43 -23.19 -5.71
N MET A 315 21.51 -22.79 -4.84
CA MET A 315 20.47 -23.67 -4.31
C MET A 315 19.13 -22.96 -4.50
N ILE A 316 18.19 -23.65 -5.12
CA ILE A 316 16.82 -23.19 -5.29
C ILE A 316 15.98 -24.13 -4.43
N ILE A 317 15.41 -23.60 -3.35
CA ILE A 317 14.86 -24.41 -2.26
C ILE A 317 13.37 -24.12 -2.06
N ASP A 318 12.51 -25.05 -2.49
CA ASP A 318 11.04 -24.85 -2.54
C ASP A 318 10.43 -25.00 -1.14
N GLY A 319 9.25 -24.40 -0.97
CA GLY A 319 8.36 -24.74 0.16
C GLY A 319 8.46 -23.78 1.34
N GLU A 320 7.82 -24.17 2.45
CA GLU A 320 7.65 -23.31 3.62
C GLU A 320 8.71 -23.42 4.68
N GLU A 321 9.19 -24.63 4.96
CA GLU A 321 10.07 -24.85 6.10
C GLU A 321 11.44 -24.18 5.92
N ALA A 322 11.93 -24.12 4.69
CA ALA A 322 13.27 -23.59 4.47
C ALA A 322 13.27 -22.09 4.76
N PRO A 323 14.21 -21.62 5.60
CA PRO A 323 14.27 -20.17 5.83
C PRO A 323 14.70 -19.39 4.58
N VAL A 324 15.59 -20.01 3.80
CA VAL A 324 16.17 -19.41 2.59
C VAL A 324 15.70 -20.17 1.37
N ALA A 325 15.15 -19.48 0.37
CA ALA A 325 14.70 -20.13 -0.86
C ALA A 325 15.75 -20.10 -1.98
N TYR A 326 16.78 -19.27 -1.85
CA TYR A 326 17.75 -19.08 -2.92
C TYR A 326 19.10 -18.67 -2.40
N THR A 327 20.13 -19.33 -2.92
CA THR A 327 21.51 -18.98 -2.60
C THR A 327 22.36 -18.89 -3.85
N LEU A 328 23.46 -18.15 -3.70
CA LEU A 328 24.55 -18.09 -4.69
C LEU A 328 25.87 -18.15 -3.94
N ASP A 329 26.88 -18.70 -4.61
CA ASP A 329 28.26 -18.65 -4.13
C ASP A 329 28.68 -17.18 -4.04
N ASP A 330 29.17 -16.74 -2.87
CA ASP A 330 29.65 -15.35 -2.68
C ASP A 330 31.15 -15.28 -2.40
N THR A 331 31.86 -16.37 -2.70
CA THR A 331 33.33 -16.44 -2.61
C THR A 331 33.97 -15.36 -3.47
N LYS A 332 35.07 -14.80 -2.98
CA LYS A 332 35.79 -13.75 -3.71
C LYS A 332 36.38 -14.37 -4.98
N PRO A 333 36.63 -13.54 -6.02
CA PRO A 333 37.16 -14.07 -7.28
C PRO A 333 38.49 -14.75 -7.11
N GLU A 334 39.26 -14.34 -6.09
CA GLU A 334 40.54 -14.94 -5.77
C GLU A 334 40.41 -16.36 -5.20
N GLY A 335 39.20 -16.75 -4.78
CA GLY A 335 38.93 -18.10 -4.27
C GLY A 335 38.91 -18.14 -2.76
N ASN A 336 39.12 -17.00 -2.11
CA ASN A 336 39.12 -16.92 -0.64
C ASN A 336 37.86 -16.22 -0.12
N TYR A 337 37.75 -16.16 1.20
CA TYR A 337 36.57 -15.68 1.89
C TYR A 337 35.36 -16.45 1.38
N ALA A 338 35.51 -17.78 1.33
CA ALA A 338 34.42 -18.65 0.86
C ALA A 338 33.13 -18.33 1.58
N ALA A 339 32.05 -18.26 0.83
CA ALA A 339 30.79 -17.83 1.42
C ALA A 339 29.60 -18.21 0.57
N ILE A 340 28.48 -18.40 1.25
CA ILE A 340 27.19 -18.61 0.61
CA ILE A 340 27.19 -18.61 0.62
C ILE A 340 26.29 -17.41 0.96
N MET A 341 25.78 -16.75 -0.08
CA MET A 341 24.78 -15.71 0.04
C MET A 341 23.41 -16.35 -0.07
N GLY A 342 22.54 -16.07 0.88
CA GLY A 342 21.14 -16.50 0.81
C GLY A 342 20.15 -15.38 1.14
N PHE A 343 18.98 -15.46 0.51
CA PHE A 343 17.88 -14.55 0.81
C PHE A 343 16.79 -15.23 1.63
N ILE A 344 16.35 -14.55 2.68
CA ILE A 344 15.14 -14.90 3.42
C ILE A 344 14.07 -13.97 2.90
N LEU A 345 13.03 -14.53 2.26
CA LEU A 345 12.12 -13.75 1.38
C LEU A 345 10.72 -13.52 1.91
N ALA A 346 10.19 -12.31 1.72
CA ALA A 346 8.76 -12.03 1.84
C ALA A 346 8.29 -12.36 3.25
N HIS A 347 7.27 -13.20 3.47
CA HIS A 347 6.79 -13.43 4.83
C HIS A 347 7.83 -14.01 5.79
N LYS A 348 8.79 -14.75 5.26
CA LYS A 348 9.82 -15.36 6.10
C LYS A 348 10.77 -14.31 6.69
N ALA A 349 10.95 -13.20 5.97
CA ALA A 349 11.73 -12.08 6.48
C ALA A 349 11.06 -11.49 7.71
N ARG A 350 9.72 -11.42 7.69
CA ARG A 350 8.94 -10.98 8.86
C ARG A 350 8.98 -12.05 9.96
N LYS A 351 8.71 -13.29 9.59
CA LYS A 351 8.65 -14.40 10.56
C LYS A 351 9.96 -14.62 11.31
N LEU A 352 11.08 -14.69 10.57
CA LEU A 352 12.38 -15.03 11.15
C LEU A 352 13.16 -13.83 11.73
N ALA A 353 12.65 -12.62 11.52
CA ALA A 353 13.19 -11.44 12.19
C ALA A 353 13.10 -11.54 13.72
N ARG A 354 12.13 -12.30 14.23
CA ARG A 354 11.97 -12.56 15.67
C ARG A 354 13.18 -13.25 16.33
N LEU A 355 13.95 -13.96 15.53
CA LEU A 355 15.09 -14.75 16.04
C LEU A 355 16.31 -13.85 16.25
N THR A 356 17.30 -14.35 16.98
CA THR A 356 18.59 -13.67 17.07
C THR A 356 19.41 -13.98 15.82
N LYS A 357 20.43 -13.16 15.58
CA LYS A 357 21.43 -13.39 14.53
C LYS A 357 22.01 -14.80 14.60
N GLU A 358 22.33 -15.26 15.81
CA GLU A 358 22.92 -16.57 16.01
C GLU A 358 21.92 -17.70 15.67
N GLU A 359 20.66 -17.53 16.06
CA GLU A 359 19.61 -18.48 15.69
C GLU A 359 19.36 -18.57 14.18
N ARG A 360 19.34 -17.43 13.49
CA ARG A 360 19.27 -17.44 12.01
C ARG A 360 20.48 -18.15 11.40
N LEU A 361 21.70 -17.84 11.88
CA LEU A 361 22.89 -18.53 11.37
C LEU A 361 22.76 -20.05 11.50
N LYS A 362 22.26 -20.51 12.65
CA LYS A 362 22.14 -21.94 12.90
C LYS A 362 21.14 -22.58 11.95
N LYS A 363 19.98 -21.95 11.77
CA LYS A 363 18.97 -22.48 10.84
C LYS A 363 19.47 -22.53 9.40
N LEU A 364 20.23 -21.51 8.99
CA LEU A 364 20.77 -21.48 7.62
C LEU A 364 21.80 -22.59 7.43
N CYS A 365 22.69 -22.76 8.41
CA CYS A 365 23.71 -23.80 8.29
C CYS A 365 23.10 -25.20 8.24
N GLU A 366 22.07 -25.43 9.06
CA GLU A 366 21.37 -26.71 9.07
C GLU A 366 20.67 -26.97 7.73
N LEU A 367 20.08 -25.92 7.14
CA LEU A 367 19.47 -26.02 5.84
C LEU A 367 20.52 -26.37 4.80
N TYR A 368 21.62 -25.63 4.80
CA TYR A 368 22.67 -25.81 3.79
C TYR A 368 23.31 -27.18 3.91
N ALA A 369 23.51 -27.66 5.14
CA ALA A 369 24.05 -28.99 5.36
C ALA A 369 23.16 -30.06 4.71
N LYS A 370 21.85 -29.94 4.88
CA LYS A 370 20.93 -30.91 4.26
C LYS A 370 20.92 -30.76 2.72
N VAL A 371 20.81 -29.53 2.23
CA VAL A 371 20.67 -29.34 0.78
C VAL A 371 21.95 -29.78 0.06
N LEU A 372 23.09 -29.47 0.65
CA LEU A 372 24.40 -29.82 0.06
C LEU A 372 24.89 -31.21 0.45
N GLY A 373 24.13 -31.92 1.30
CA GLY A 373 24.56 -33.21 1.84
C GLY A 373 25.94 -33.15 2.46
N SER A 374 26.21 -32.07 3.20
CA SER A 374 27.55 -31.75 3.66
C SER A 374 27.60 -31.29 5.11
N LEU A 375 28.18 -32.12 5.99
CA LEU A 375 28.41 -31.71 7.37
C LEU A 375 29.29 -30.46 7.51
N GLU A 376 30.15 -30.20 6.52
CA GLU A 376 31.01 -29.00 6.54
C GLU A 376 30.18 -27.70 6.62
N ALA A 377 28.95 -27.74 6.12
CA ALA A 377 28.07 -26.55 6.20
C ALA A 377 27.72 -26.14 7.62
N LEU A 378 27.91 -27.04 8.59
CA LEU A 378 27.68 -26.73 9.99
C LEU A 378 28.88 -26.06 10.66
N GLU A 379 29.94 -25.76 9.91
CA GLU A 379 31.18 -25.16 10.47
C GLU A 379 31.45 -23.77 9.92
N PRO A 380 30.52 -22.83 10.08
CA PRO A 380 30.80 -21.49 9.56
C PRO A 380 31.89 -20.82 10.34
N VAL A 381 32.63 -19.94 9.68
CA VAL A 381 33.68 -19.14 10.32
C VAL A 381 33.28 -17.70 10.63
N HIS A 382 32.20 -17.24 9.98
CA HIS A 382 31.76 -15.87 10.11
C HIS A 382 30.37 -15.75 9.48
N TYR A 383 29.65 -14.70 9.85
CA TYR A 383 28.29 -14.47 9.36
C TYR A 383 28.02 -12.97 9.33
N GLU A 384 27.42 -12.49 8.24
CA GLU A 384 26.88 -11.14 8.14
C GLU A 384 25.47 -11.19 7.57
N GLU A 385 24.64 -10.23 7.97
CA GLU A 385 23.27 -10.17 7.46
C GLU A 385 22.75 -8.76 7.53
N LYS A 386 21.69 -8.50 6.79
CA LYS A 386 20.98 -7.24 6.85
C LYS A 386 19.52 -7.45 6.49
N ASN A 387 18.64 -7.07 7.43
CA ASN A 387 17.20 -7.09 7.24
C ASN A 387 16.83 -5.71 6.72
N TRP A 388 16.49 -5.63 5.44
CA TRP A 388 16.15 -4.33 4.84
C TRP A 388 14.77 -3.81 5.23
N CYS A 389 13.94 -4.65 5.85
CA CYS A 389 12.63 -4.20 6.36
C CYS A 389 12.72 -3.17 7.49
N GLU A 390 13.87 -3.09 8.16
CA GLU A 390 14.10 -2.17 9.31
C GLU A 390 14.43 -0.76 8.90
N GLU A 391 14.73 -0.54 7.63
CA GLU A 391 15.31 0.72 7.19
C GLU A 391 14.27 1.80 6.95
N GLN A 392 14.30 2.82 7.81
CA GLN A 392 13.44 4.00 7.68
C GLN A 392 13.57 4.69 6.31
N TYR A 393 14.80 4.77 5.77
CA TYR A 393 15.05 5.51 4.54
C TYR A 393 15.19 4.63 3.31
N SER A 394 14.78 3.36 3.42
CA SER A 394 14.56 2.49 2.25
C SER A 394 13.11 2.02 2.17
N GLY A 395 12.57 1.53 3.29
CA GLY A 395 11.21 0.94 3.35
C GLY A 395 11.17 -0.56 3.10
N GLY A 396 12.26 -1.12 2.59
CA GLY A 396 12.33 -2.54 2.23
C GLY A 396 13.34 -2.72 1.10
N CYS A 397 13.34 -3.93 0.52
CA CYS A 397 14.14 -4.24 -0.66
C CYS A 397 13.49 -5.41 -1.38
N TYR A 398 13.80 -5.65 -2.65
CA TYR A 398 14.73 -4.84 -3.47
C TYR A 398 14.09 -3.53 -3.88
N THR A 399 12.77 -3.58 -4.07
CA THR A 399 12.07 -2.51 -4.75
C THR A 399 10.60 -2.48 -4.37
N THR A 400 9.92 -1.52 -4.98
CA THR A 400 8.51 -1.28 -4.79
C THR A 400 7.69 -2.25 -5.60
N TYR A 401 6.70 -2.86 -4.95
CA TYR A 401 5.72 -3.65 -5.65
C TYR A 401 4.37 -2.97 -5.68
N PHE A 402 3.56 -3.37 -6.64
CA PHE A 402 2.23 -2.81 -6.84
C PHE A 402 1.19 -3.86 -6.54
N PRO A 403 0.35 -3.63 -5.50
CA PRO A 403 -0.77 -4.55 -5.23
C PRO A 403 -1.85 -4.48 -6.33
N PRO A 404 -2.80 -5.43 -6.33
CA PRO A 404 -3.80 -5.40 -7.39
C PRO A 404 -4.52 -4.07 -7.50
N GLY A 405 -4.70 -3.61 -8.73
CA GLY A 405 -5.49 -2.43 -9.02
C GLY A 405 -4.76 -1.11 -9.05
N ILE A 406 -3.50 -1.07 -8.61
CA ILE A 406 -2.81 0.19 -8.42
C ILE A 406 -2.09 0.70 -9.67
N LEU A 407 -1.42 -0.18 -10.40
CA LEU A 407 -0.65 0.22 -11.58
C LEU A 407 -1.53 0.86 -12.66
N THR A 408 -2.73 0.34 -12.88
CA THR A 408 -3.60 0.92 -13.90
C THR A 408 -4.19 2.24 -13.42
N GLN A 409 -4.47 2.39 -12.14
CA GLN A 409 -5.11 3.60 -11.64
C GLN A 409 -4.12 4.74 -11.40
N TYR A 410 -2.91 4.39 -10.97
CA TYR A 410 -1.94 5.37 -10.49
C TYR A 410 -0.59 5.33 -11.20
N GLY A 411 -0.36 4.33 -12.05
CA GLY A 411 0.96 4.11 -12.63
C GLY A 411 1.43 5.27 -13.49
N ARG A 412 0.49 5.90 -14.19
CA ARG A 412 0.88 6.98 -15.10
C ARG A 412 1.50 8.18 -14.38
N VAL A 413 1.25 8.36 -13.07
CA VAL A 413 1.85 9.52 -12.38
C VAL A 413 3.20 9.24 -11.73
N LEU A 414 3.70 7.99 -11.79
CA LEU A 414 4.96 7.64 -11.15
C LEU A 414 6.14 8.58 -11.50
N ARG A 415 6.33 8.89 -12.78
CA ARG A 415 7.40 9.83 -13.16
C ARG A 415 6.91 11.13 -13.80
N GLN A 416 5.65 11.44 -13.57
CA GLN A 416 5.07 12.71 -14.02
C GLN A 416 5.61 13.86 -13.15
N PRO A 417 6.26 14.85 -13.78
CA PRO A 417 6.75 15.97 -12.97
C PRO A 417 5.64 16.69 -12.19
N VAL A 418 5.99 17.20 -11.03
CA VAL A 418 5.08 17.99 -10.20
C VAL A 418 5.70 19.37 -10.14
N ASP A 419 5.23 20.25 -11.02
CA ASP A 419 5.78 21.60 -11.21
C ASP A 419 7.28 21.51 -11.52
N ARG A 420 8.17 21.78 -10.57
CA ARG A 420 9.62 21.76 -10.80
C ARG A 420 10.33 20.57 -10.13
N ILE A 421 9.52 19.61 -9.66
CA ILE A 421 10.04 18.35 -9.13
C ILE A 421 9.96 17.29 -10.22
N TYR A 422 11.10 16.65 -10.49
CA TYR A 422 11.21 15.54 -11.45
C TYR A 422 11.55 14.29 -10.65
N PHE A 423 11.17 13.13 -11.17
CA PHE A 423 11.26 11.89 -10.41
C PHE A 423 12.25 10.90 -11.00
N ALA A 424 13.27 10.61 -10.20
CA ALA A 424 14.26 9.57 -10.53
C ALA A 424 13.92 8.34 -9.66
N GLY A 425 14.92 7.52 -9.37
CA GLY A 425 14.75 6.32 -8.58
C GLY A 425 14.46 5.14 -9.49
N THR A 426 14.99 3.98 -9.12
CA THR A 426 14.87 2.82 -9.97
C THR A 426 13.41 2.47 -10.33
N GLU A 427 12.51 2.78 -9.42
CA GLU A 427 11.09 2.52 -9.67
C GLU A 427 10.51 3.17 -10.90
N THR A 428 11.15 4.25 -11.37
CA THR A 428 10.66 5.02 -12.53
C THR A 428 11.32 4.60 -13.83
N ALA A 429 12.24 3.63 -13.78
CA ALA A 429 12.91 3.12 -14.99
C ALA A 429 11.97 2.30 -15.86
N THR A 430 12.36 2.18 -17.13
CA THR A 430 11.63 1.34 -18.09
C THR A 430 12.40 0.08 -18.53
N HIS A 431 13.65 -0.07 -18.08
CA HIS A 431 14.48 -1.24 -18.35
C HIS A 431 15.27 -1.52 -17.07
N TRP A 432 15.09 -2.72 -16.51
CA TRP A 432 15.63 -3.12 -15.23
C TRP A 432 15.24 -2.16 -14.10
N SER A 433 14.02 -1.66 -14.15
CA SER A 433 13.42 -1.08 -12.94
C SER A 433 13.50 -2.10 -11.81
N GLY A 434 13.85 -1.62 -10.61
CA GLY A 434 14.10 -2.46 -9.45
C GLY A 434 15.57 -2.72 -9.17
N TYR A 435 16.43 -2.45 -10.16
CA TYR A 435 17.85 -2.77 -10.13
C TYR A 435 18.72 -1.51 -10.16
N MET A 436 20.01 -1.72 -9.94
CA MET A 436 21.00 -0.65 -10.06
C MET A 436 20.97 -0.04 -11.46
N GLU A 437 20.82 -0.88 -12.50
CA GLU A 437 20.64 -0.41 -13.88
C GLU A 437 19.52 0.59 -14.02
N GLY A 438 18.35 0.24 -13.49
CA GLY A 438 17.20 1.12 -13.55
C GLY A 438 17.44 2.42 -12.79
N ALA A 439 18.16 2.34 -11.68
CA ALA A 439 18.53 3.54 -10.95
C ALA A 439 19.31 4.53 -11.84
N VAL A 440 20.26 4.01 -12.60
CA VAL A 440 21.06 4.86 -13.50
C VAL A 440 20.16 5.43 -14.60
N GLU A 441 19.34 4.60 -15.21
CA GLU A 441 18.46 5.04 -16.30
C GLU A 441 17.60 6.20 -15.84
N ALA A 442 16.98 6.02 -14.68
CA ALA A 442 16.04 7.01 -14.17
C ALA A 442 16.70 8.29 -13.71
N GLY A 443 17.87 8.17 -13.08
CA GLY A 443 18.59 9.36 -12.62
C GLY A 443 19.02 10.23 -13.77
N GLU A 444 19.55 9.58 -14.80
CA GLU A 444 20.03 10.29 -15.98
C GLU A 444 18.89 10.86 -16.81
N ARG A 445 17.78 10.13 -16.90
CA ARG A 445 16.61 10.61 -17.61
C ARG A 445 16.02 11.82 -16.89
N ALA A 446 15.89 11.75 -15.56
CA ALA A 446 15.37 12.88 -14.78
C ALA A 446 16.25 14.13 -14.93
N ALA A 447 17.56 13.90 -14.88
CA ALA A 447 18.53 14.98 -15.07
C ALA A 447 18.33 15.64 -16.44
N ARG A 448 18.15 14.82 -17.47
CA ARG A 448 17.95 15.35 -18.82
C ARG A 448 16.57 16.02 -19.00
N GLU A 449 15.56 15.57 -18.26
CA GLU A 449 14.28 16.30 -18.24
C GLU A 449 14.47 17.76 -17.80
N ILE A 450 15.28 17.95 -16.76
CA ILE A 450 15.59 19.27 -16.26
C ILE A 450 16.44 20.04 -17.31
N LEU A 451 17.45 19.40 -17.88
CA LEU A 451 18.23 20.03 -18.97
C LEU A 451 17.31 20.53 -20.10
N HIS A 452 16.31 19.73 -20.43
CA HIS A 452 15.35 20.13 -21.46
C HIS A 452 14.50 21.31 -20.98
N ALA A 453 14.02 21.25 -19.73
CA ALA A 453 13.25 22.35 -19.17
C ALA A 453 14.03 23.66 -19.17
N MET A 454 15.35 23.56 -18.99
CA MET A 454 16.21 24.74 -19.03
C MET A 454 16.60 25.18 -20.46
N GLY A 455 16.09 24.50 -21.49
CA GLY A 455 16.45 24.81 -22.90
C GLY A 455 17.87 24.46 -23.30
N LYS A 456 18.51 23.53 -22.58
CA LYS A 456 19.89 23.13 -22.86
C LYS A 456 20.03 21.96 -23.79
N ILE A 457 18.98 21.14 -23.92
CA ILE A 457 18.93 20.03 -24.87
C ILE A 457 17.53 19.94 -25.48
N PRO A 458 17.41 19.41 -26.70
CA PRO A 458 16.08 19.19 -27.29
C PRO A 458 15.34 18.01 -26.66
N GLU A 459 14.03 17.95 -26.88
CA GLU A 459 13.16 16.93 -26.27
C GLU A 459 13.59 15.49 -26.57
N ASP A 460 14.01 15.24 -27.81
CA ASP A 460 14.48 13.92 -28.25
C ASP A 460 15.76 13.42 -27.57
N GLU A 461 16.44 14.25 -26.78
CA GLU A 461 17.59 13.84 -26.00
C GLU A 461 17.29 13.48 -24.53
N ILE A 462 16.02 13.57 -24.11
CA ILE A 462 15.63 13.24 -22.73
C ILE A 462 15.84 11.74 -22.48
N TRP A 463 15.31 10.90 -23.37
CA TRP A 463 15.54 9.44 -23.35
C TRP A 463 16.69 9.14 -24.30
N GLN A 464 17.70 8.43 -23.80
CA GLN A 464 18.93 8.17 -24.54
C GLN A 464 19.26 6.70 -24.49
N SER A 465 19.50 6.10 -25.66
CA SER A 465 19.91 4.70 -25.74
C SER A 465 21.32 4.54 -25.19
N GLU A 466 21.69 3.31 -24.84
CA GLU A 466 22.99 3.05 -24.23
C GLU A 466 23.71 2.02 -25.09
N PRO A 467 24.95 2.34 -25.50
CA PRO A 467 25.74 1.35 -26.25
C PRO A 467 25.98 0.08 -25.44
N GLU A 468 25.96 -1.06 -26.12
CA GLU A 468 26.26 -2.32 -25.44
C GLU A 468 27.66 -2.36 -24.86
N SER A 469 27.77 -2.85 -23.63
CA SER A 469 29.07 -3.09 -22.99
C SER A 469 29.93 -4.02 -23.83
N VAL A 470 31.18 -3.63 -24.04
CA VAL A 470 32.15 -4.50 -24.74
C VAL A 470 32.71 -5.56 -23.79
N ASP A 471 32.58 -5.34 -22.49
CA ASP A 471 33.07 -6.26 -21.47
C ASP A 471 32.07 -7.35 -21.10
N VAL A 472 30.79 -7.02 -21.20
CA VAL A 472 29.71 -7.93 -20.77
C VAL A 472 28.73 -8.03 -21.92
N PRO A 473 29.14 -8.71 -22.99
CA PRO A 473 28.24 -8.82 -24.13
C PRO A 473 27.02 -9.69 -23.80
N ALA A 474 25.88 -9.39 -24.43
CA ALA A 474 24.63 -10.09 -24.18
C ALA A 474 24.34 -11.15 -25.24
N GLN A 475 24.32 -12.41 -24.83
CA GLN A 475 23.83 -13.47 -25.70
C GLN A 475 22.32 -13.30 -25.82
N PRO A 476 21.76 -13.51 -27.02
CA PRO A 476 20.32 -13.37 -27.17
C PRO A 476 19.58 -14.48 -26.43
N ILE A 477 18.33 -14.20 -26.11
CA ILE A 477 17.45 -15.20 -25.53
C ILE A 477 16.85 -15.95 -26.69
N THR A 478 16.98 -17.27 -26.68
CA THR A 478 16.49 -18.11 -27.77
C THR A 478 15.57 -19.17 -27.19
N THR A 479 14.69 -19.68 -28.05
CA THR A 479 13.84 -20.82 -27.69
C THR A 479 14.01 -21.90 -28.74
N THR A 480 13.70 -23.14 -28.37
CA THR A 480 13.68 -24.26 -29.31
C THR A 480 12.28 -24.39 -29.88
N PHE A 481 12.19 -25.08 -31.01
CA PHE A 481 10.92 -25.39 -31.65
C PHE A 481 9.92 -26.04 -30.69
N LEU A 482 10.39 -27.01 -29.92
CA LEU A 482 9.54 -27.75 -29.00
C LEU A 482 9.05 -26.85 -27.87
N GLU A 483 9.95 -26.01 -27.34
CA GLU A 483 9.58 -25.02 -26.32
C GLU A 483 8.47 -24.11 -26.82
N ARG A 484 8.59 -23.65 -28.07
CA ARG A 484 7.58 -22.77 -28.66
C ARG A 484 6.24 -23.43 -28.92
N HIS A 485 6.24 -24.71 -29.29
CA HIS A 485 5.03 -25.36 -29.81
C HIS A 485 4.48 -26.53 -28.97
N LEU A 486 5.18 -27.00 -27.94
CA LEU A 486 4.60 -28.06 -27.11
C LEU A 486 3.33 -27.55 -26.45
N PRO A 487 2.29 -28.39 -26.37
CA PRO A 487 1.04 -27.89 -25.82
C PRO A 487 1.13 -27.69 -24.31
N SER A 488 0.27 -26.82 -23.80
CA SER A 488 0.03 -26.75 -22.36
C SER A 488 -0.71 -28.02 -21.95
N VAL A 489 -0.91 -28.19 -20.65
CA VAL A 489 -1.67 -29.32 -20.15
C VAL A 489 -3.12 -29.24 -20.67
N PRO A 490 -3.78 -28.07 -20.55
CA PRO A 490 -5.15 -28.04 -21.11
C PRO A 490 -5.17 -28.19 -22.63
N GLY A 491 -4.17 -27.64 -23.30
CA GLY A 491 -3.96 -27.88 -24.75
C GLY A 491 -3.86 -29.35 -25.11
N LEU A 492 -3.12 -30.12 -24.31
CA LEU A 492 -3.01 -31.56 -24.51
C LEU A 492 -4.37 -32.26 -24.28
N LEU A 493 -5.06 -31.87 -23.21
CA LEU A 493 -6.38 -32.41 -22.91
C LEU A 493 -7.39 -32.10 -24.03
N ARG A 494 -7.35 -30.88 -24.56
CA ARG A 494 -8.15 -30.52 -25.74
C ARG A 494 -7.83 -31.41 -26.96
N LEU A 495 -6.55 -31.67 -27.19
CA LEU A 495 -6.14 -32.62 -28.24
C LEU A 495 -6.68 -34.03 -28.01
N ILE A 496 -6.69 -34.48 -26.76
CA ILE A 496 -7.22 -35.81 -26.39
C ILE A 496 -8.72 -35.91 -26.67
N GLY A 497 -9.49 -34.93 -26.22
CA GLY A 497 -10.93 -34.88 -26.48
C GLY A 497 -11.32 -34.83 -27.95
N LEU A 498 -10.52 -34.15 -28.77
CA LEU A 498 -10.78 -34.00 -30.21
C LEU A 498 -10.44 -35.27 -31.00
N THR A 499 -9.35 -35.93 -30.64
CA THR A 499 -8.95 -37.21 -31.24
C THR A 499 -10.06 -38.24 -31.07
N THR A 500 -10.43 -38.47 -29.80
CA THR A 500 -11.43 -39.45 -29.45
C THR A 500 -12.84 -38.86 -29.63
N ILE A 501 -13.24 -38.70 -30.89
CA ILE A 501 -14.52 -38.07 -31.23
C ILE A 501 -14.91 -38.43 -32.66
N SER B 2 11.61 24.46 24.91
CA SER B 2 10.41 23.65 24.45
C SER B 2 9.18 23.89 25.34
N ASN B 3 8.03 23.47 24.83
CA ASN B 3 6.75 23.62 25.50
C ASN B 3 6.47 22.27 26.20
N LYS B 4 6.37 22.29 27.52
CA LYS B 4 6.35 21.06 28.31
C LYS B 4 4.93 20.70 28.69
N CYS B 5 4.60 19.43 28.60
CA CYS B 5 3.29 18.97 29.00
C CYS B 5 3.35 17.52 29.38
N ASP B 6 2.23 16.95 29.82
CA ASP B 6 2.17 15.52 30.14
C ASP B 6 2.03 14.64 28.88
N VAL B 7 1.11 15.02 27.98
CA VAL B 7 0.86 14.19 26.77
C VAL B 7 0.68 15.11 25.57
N VAL B 8 1.40 14.78 24.50
CA VAL B 8 1.19 15.40 23.20
C VAL B 8 0.30 14.44 22.40
N VAL B 9 -0.80 14.98 21.87
CA VAL B 9 -1.69 14.23 20.97
C VAL B 9 -1.44 14.78 19.58
N VAL B 10 -1.04 13.87 18.66
CA VAL B 10 -0.79 14.23 17.29
C VAL B 10 -2.08 13.97 16.51
N GLY B 11 -2.68 15.06 16.03
CA GLY B 11 -3.94 14.99 15.30
C GLY B 11 -5.12 15.46 16.13
N GLY B 12 -5.87 16.40 15.58
CA GLY B 12 -7.07 16.96 16.20
C GLY B 12 -8.33 16.59 15.45
N GLY B 13 -8.41 15.32 15.01
CA GLY B 13 -9.65 14.73 14.57
C GLY B 13 -10.43 14.30 15.78
N ILE B 14 -11.54 13.63 15.56
CA ILE B 14 -12.35 13.18 16.68
C ILE B 14 -11.54 12.30 17.62
N SER B 15 -10.68 11.44 17.08
CA SER B 15 -9.98 10.50 17.93
C SER B 15 -9.01 11.23 18.87
N GLY B 16 -8.18 12.10 18.30
CA GLY B 16 -7.22 12.88 19.08
C GLY B 16 -7.92 13.81 20.07
N MET B 17 -8.99 14.44 19.62
CA MET B 17 -9.79 15.29 20.51
C MET B 17 -10.41 14.53 21.67
N ALA B 18 -10.99 13.35 21.40
CA ALA B 18 -11.57 12.51 22.44
C ALA B 18 -10.51 12.06 23.46
N ALA B 19 -9.33 11.71 22.95
CA ALA B 19 -8.18 11.31 23.82
C ALA B 19 -7.75 12.50 24.68
N ALA B 20 -7.57 13.66 24.05
CA ALA B 20 -7.15 14.87 24.76
C ALA B 20 -8.14 15.28 25.83
N LYS B 21 -9.42 15.25 25.49
CA LYS B 21 -10.47 15.58 26.47
C LYS B 21 -10.41 14.64 27.67
N LEU B 22 -10.30 13.33 27.43
CA LEU B 22 -10.25 12.38 28.55
C LEU B 22 -9.05 12.65 29.48
N LEU B 23 -7.89 12.87 28.89
CA LEU B 23 -6.68 13.14 29.66
C LEU B 23 -6.77 14.47 30.42
N HIS B 24 -7.28 15.50 29.75
CA HIS B 24 -7.55 16.81 30.33
C HIS B 24 -8.52 16.71 31.51
N ASP B 25 -9.61 15.96 31.34
CA ASP B 25 -10.60 15.78 32.40
C ASP B 25 -10.03 15.05 33.61
N SER B 26 -9.01 14.21 33.39
CA SER B 26 -8.32 13.49 34.46
CA SER B 26 -8.32 13.49 34.46
C SER B 26 -7.24 14.34 35.13
N GLY B 27 -7.05 15.58 34.67
CA GLY B 27 -6.11 16.52 35.27
C GLY B 27 -4.72 16.61 34.65
N LEU B 28 -4.49 15.95 33.50
CA LEU B 28 -3.19 16.04 32.87
C LEU B 28 -3.15 17.23 31.96
N ASN B 29 -1.94 17.74 31.73
CA ASN B 29 -1.74 18.84 30.80
C ASN B 29 -1.50 18.24 29.43
N VAL B 30 -2.42 18.50 28.52
CA VAL B 30 -2.36 17.96 27.16
C VAL B 30 -2.14 19.08 26.16
N VAL B 31 -1.48 18.75 25.06
CA VAL B 31 -1.38 19.61 23.92
C VAL B 31 -1.80 18.77 22.71
N VAL B 32 -2.62 19.36 21.84
CA VAL B 32 -2.98 18.74 20.57
C VAL B 32 -2.28 19.47 19.45
N LEU B 33 -1.48 18.74 18.68
CA LEU B 33 -0.79 19.29 17.55
C LEU B 33 -1.51 18.86 16.29
N GLU B 34 -2.12 19.83 15.60
CA GLU B 34 -2.93 19.60 14.40
C GLU B 34 -2.26 20.24 13.19
N ALA B 35 -2.11 19.46 12.11
CA ALA B 35 -1.40 19.91 10.92
C ALA B 35 -2.17 20.98 10.16
N ARG B 36 -3.49 20.88 10.12
CA ARG B 36 -4.29 21.80 9.33
C ARG B 36 -4.59 23.08 10.08
N ASP B 37 -5.15 24.05 9.37
CA ASP B 37 -5.74 25.25 10.00
C ASP B 37 -7.14 25.05 10.60
N ARG B 38 -7.58 23.80 10.77
CA ARG B 38 -8.85 23.48 11.38
C ARG B 38 -8.73 22.15 12.09
N VAL B 39 -9.67 21.90 12.99
CA VAL B 39 -9.83 20.61 13.63
C VAL B 39 -10.88 19.82 12.89
N GLY B 40 -10.98 18.54 13.21
CA GLY B 40 -12.04 17.68 12.70
C GLY B 40 -11.59 16.61 11.71
N GLY B 41 -10.50 16.85 11.01
CA GLY B 41 -9.89 15.82 10.17
C GLY B 41 -10.81 15.36 9.04
N ARG B 42 -11.22 14.09 9.09
CA ARG B 42 -12.11 13.52 8.09
C ARG B 42 -13.57 13.88 8.30
N THR B 43 -13.86 14.64 9.36
CA THR B 43 -15.09 15.40 9.47
C THR B 43 -14.80 16.86 9.15
N TYR B 44 -15.72 17.50 8.45
CA TYR B 44 -15.59 18.90 8.06
C TYR B 44 -17.00 19.41 7.75
N THR B 45 -17.44 20.36 8.54
CA THR B 45 -18.75 20.96 8.34
C THR B 45 -18.54 22.38 7.77
N LEU B 46 -19.07 22.62 6.57
CA LEU B 46 -18.99 23.95 5.93
C LEU B 46 -20.25 24.69 6.25
N ARG B 47 -20.15 25.98 6.61
CA ARG B 47 -21.31 26.83 6.85
C ARG B 47 -21.33 27.94 5.81
N ASN B 48 -22.49 28.16 5.21
CA ASN B 48 -22.76 29.36 4.38
C ASN B 48 -24.26 29.55 4.31
N GLN B 49 -24.70 30.70 3.78
CA GLN B 49 -26.12 31.03 3.79
C GLN B 49 -26.93 30.04 2.92
N LYS B 50 -26.33 29.56 1.85
CA LYS B 50 -27.05 28.68 0.90
C LYS B 50 -27.39 27.31 1.47
N VAL B 51 -26.51 26.75 2.30
CA VAL B 51 -26.67 25.41 2.87
C VAL B 51 -27.02 25.41 4.35
N LYS B 52 -26.86 26.57 4.99
CA LYS B 52 -26.77 26.71 6.46
C LYS B 52 -25.54 26.00 7.02
N TYR B 53 -25.58 24.67 7.01
CA TYR B 53 -24.39 23.86 7.29
C TYR B 53 -24.46 22.61 6.44
N VAL B 54 -23.30 22.03 6.13
CA VAL B 54 -23.26 20.74 5.44
C VAL B 54 -22.02 19.96 5.86
N ASP B 55 -22.23 18.69 6.16
CA ASP B 55 -21.14 17.76 6.40
C ASP B 55 -20.56 17.32 5.06
N LEU B 56 -19.32 17.71 4.79
CA LEU B 56 -18.61 17.30 3.60
C LEU B 56 -17.70 16.09 3.86
N GLY B 57 -17.52 15.75 5.14
CA GLY B 57 -16.83 14.56 5.56
C GLY B 57 -17.79 13.65 6.26
N GLY B 58 -17.29 12.93 7.26
CA GLY B 58 -18.13 12.02 8.04
C GLY B 58 -19.34 12.70 8.63
N SER B 59 -20.49 12.04 8.55
CA SER B 59 -21.77 12.64 8.98
C SER B 59 -22.71 11.77 9.79
N TYR B 60 -22.86 10.51 9.39
CA TYR B 60 -23.90 9.66 9.94
C TYR B 60 -23.48 8.98 11.24
N VAL B 61 -24.45 8.90 12.13
CA VAL B 61 -24.36 8.11 13.32
C VAL B 61 -25.64 7.29 13.47
N GLY B 62 -25.56 6.24 14.27
CA GLY B 62 -26.70 5.38 14.43
C GLY B 62 -26.65 4.47 15.61
N PRO B 63 -27.71 3.65 15.77
CA PRO B 63 -27.76 2.74 16.93
C PRO B 63 -26.54 1.84 17.00
N THR B 64 -26.15 1.55 18.24
CA THR B 64 -24.95 0.82 18.65
C THR B 64 -23.68 1.66 18.60
N GLN B 65 -23.74 2.92 18.15
CA GLN B 65 -22.56 3.78 18.19
C GLN B 65 -22.67 4.68 19.42
N ASN B 66 -22.55 4.05 20.59
CA ASN B 66 -22.92 4.73 21.84
C ASN B 66 -21.88 5.71 22.33
N ARG B 67 -20.62 5.52 21.95
CA ARG B 67 -19.56 6.41 22.39
C ARG B 67 -19.62 7.78 21.71
N ILE B 68 -19.72 7.80 20.38
CA ILE B 68 -19.90 9.08 19.68
C ILE B 68 -21.20 9.80 20.12
N LEU B 69 -22.25 9.02 20.32
CA LEU B 69 -23.51 9.63 20.77
C LEU B 69 -23.39 10.25 22.17
N ARG B 70 -22.70 9.58 23.07
CA ARG B 70 -22.49 10.11 24.42
C ARG B 70 -21.58 11.36 24.43
N LEU B 71 -20.48 11.29 23.71
CA LEU B 71 -19.58 12.40 23.60
C LEU B 71 -20.28 13.62 23.02
N ALA B 72 -20.98 13.43 21.91
CA ALA B 72 -21.71 14.53 21.28
C ALA B 72 -22.79 15.11 22.21
N LYS B 73 -23.52 14.25 22.89
CA LYS B 73 -24.56 14.70 23.81
C LYS B 73 -23.94 15.56 24.93
N GLU B 74 -22.82 15.10 25.47
CA GLU B 74 -22.10 15.86 26.48
C GLU B 74 -21.68 17.27 26.01
N LEU B 75 -21.28 17.36 24.75
CA LEU B 75 -20.88 18.61 24.14
C LEU B 75 -22.06 19.50 23.71
N GLY B 76 -23.28 19.03 23.93
CA GLY B 76 -24.49 19.81 23.69
C GLY B 76 -25.14 19.59 22.33
N LEU B 77 -24.75 18.53 21.62
CA LEU B 77 -25.28 18.27 20.29
C LEU B 77 -26.53 17.38 20.32
N GLU B 78 -27.32 17.47 19.26
CA GLU B 78 -28.56 16.73 19.10
C GLU B 78 -28.47 16.05 17.73
N THR B 79 -29.20 14.97 17.57
CA THR B 79 -29.31 14.31 16.26
C THR B 79 -30.70 14.52 15.64
N TYR B 80 -30.78 14.26 14.34
CA TYR B 80 -32.06 14.12 13.67
C TYR B 80 -31.96 12.94 12.74
N LYS B 81 -33.11 12.41 12.34
CA LYS B 81 -33.13 11.22 11.48
C LYS B 81 -33.01 11.57 10.02
N VAL B 82 -32.16 10.79 9.34
CA VAL B 82 -32.06 10.84 7.90
C VAL B 82 -33.39 10.37 7.34
N ASN B 83 -33.92 11.07 6.34
CA ASN B 83 -35.27 10.77 5.87
C ASN B 83 -35.34 9.39 5.20
N GLU B 84 -36.14 8.50 5.77
CA GLU B 84 -36.41 7.21 5.17
C GLU B 84 -37.90 6.84 5.31
N VAL B 85 -38.76 7.85 5.27
CA VAL B 85 -40.20 7.64 5.41
C VAL B 85 -40.77 6.91 4.18
N GLU B 86 -40.38 7.39 3.01
CA GLU B 86 -40.90 6.90 1.74
C GLU B 86 -40.03 5.78 1.16
N ARG B 87 -40.23 5.44 -0.12
CA ARG B 87 -39.58 4.27 -0.70
C ARG B 87 -38.13 4.54 -1.11
N LEU B 88 -37.29 3.52 -0.97
CA LEU B 88 -35.95 3.52 -1.49
C LEU B 88 -36.01 3.15 -2.95
N ILE B 89 -34.96 3.47 -3.71
CA ILE B 89 -34.89 3.08 -5.12
C ILE B 89 -33.66 2.23 -5.38
N HIS B 90 -33.86 1.10 -6.06
CA HIS B 90 -32.78 0.38 -6.69
C HIS B 90 -32.89 0.57 -8.20
N HIS B 91 -31.88 1.18 -8.81
CA HIS B 91 -31.89 1.46 -10.25
C HIS B 91 -31.02 0.40 -10.92
N VAL B 92 -31.64 -0.44 -11.73
CA VAL B 92 -30.98 -1.61 -12.33
C VAL B 92 -31.31 -1.63 -13.81
N LYS B 93 -30.28 -1.82 -14.63
CA LYS B 93 -30.42 -1.88 -16.09
C LYS B 93 -31.37 -0.81 -16.61
N GLY B 94 -31.09 0.43 -16.21
CA GLY B 94 -31.82 1.59 -16.69
C GLY B 94 -33.24 1.83 -16.21
N LYS B 95 -33.69 1.16 -15.14
CA LYS B 95 -35.03 1.33 -14.60
C LYS B 95 -34.99 1.38 -13.08
N SER B 96 -35.84 2.22 -12.51
CA SER B 96 -35.96 2.37 -11.06
C SER B 96 -37.02 1.44 -10.49
N TYR B 97 -36.61 0.69 -9.46
CA TYR B 97 -37.47 -0.24 -8.77
C TYR B 97 -37.58 0.20 -7.32
N PRO B 98 -38.70 0.82 -6.96
CA PRO B 98 -38.85 1.21 -5.56
C PRO B 98 -39.04 0.03 -4.62
N PHE B 99 -38.58 0.20 -3.39
CA PHE B 99 -38.69 -0.83 -2.37
C PHE B 99 -38.68 -0.25 -0.97
N ARG B 100 -39.03 -1.11 -0.01
CA ARG B 100 -38.95 -0.79 1.40
C ARG B 100 -38.14 -1.89 2.08
N GLY B 101 -37.60 -1.59 3.26
CA GLY B 101 -36.73 -2.51 4.00
C GLY B 101 -35.32 -2.26 3.52
N PRO B 102 -34.31 -2.78 4.25
CA PRO B 102 -32.97 -2.35 3.95
C PRO B 102 -32.31 -2.97 2.73
N PHE B 103 -32.65 -4.22 2.41
CA PHE B 103 -31.99 -4.96 1.34
C PHE B 103 -32.79 -4.81 0.06
N PRO B 104 -32.13 -4.44 -1.05
CA PRO B 104 -32.84 -4.35 -2.31
C PRO B 104 -33.32 -5.73 -2.73
N PRO B 105 -34.63 -5.89 -2.98
CA PRO B 105 -35.19 -7.22 -3.23
C PRO B 105 -35.07 -7.67 -4.68
N VAL B 106 -35.23 -8.96 -4.90
CA VAL B 106 -35.24 -9.53 -6.25
C VAL B 106 -36.36 -10.55 -6.34
N TRP B 107 -36.78 -10.79 -7.57
CA TRP B 107 -37.97 -11.58 -7.84
C TRP B 107 -37.69 -12.93 -8.50
N ASN B 108 -36.64 -13.01 -9.30
CA ASN B 108 -36.28 -14.27 -9.94
C ASN B 108 -35.86 -15.26 -8.84
N PRO B 109 -36.39 -16.51 -8.86
CA PRO B 109 -36.10 -17.45 -7.78
C PRO B 109 -34.60 -17.79 -7.62
N ILE B 110 -33.89 -17.92 -8.73
CA ILE B 110 -32.47 -18.27 -8.68
C ILE B 110 -31.68 -17.08 -8.12
N THR B 111 -31.96 -15.91 -8.65
CA THR B 111 -31.33 -14.68 -8.19
C THR B 111 -31.64 -14.44 -6.72
N TYR B 112 -32.88 -14.71 -6.30
CA TYR B 112 -33.28 -14.63 -4.89
C TYR B 112 -32.38 -15.49 -4.01
N LEU B 113 -32.19 -16.75 -4.38
CA LEU B 113 -31.35 -17.63 -3.59
C LEU B 113 -29.91 -17.10 -3.52
N ASP B 114 -29.42 -16.59 -4.64
CA ASP B 114 -28.04 -16.12 -4.75
C ASP B 114 -27.84 -14.88 -3.89
N HIS B 115 -28.76 -13.91 -3.95
CA HIS B 115 -28.68 -12.69 -3.12
C HIS B 115 -28.77 -13.06 -1.64
N ASN B 116 -29.75 -13.90 -1.29
CA ASN B 116 -29.93 -14.31 0.07
C ASN B 116 -28.65 -14.96 0.61
N ASN B 117 -28.05 -15.85 -0.19
CA ASN B 117 -26.87 -16.55 0.23
C ASN B 117 -25.67 -15.61 0.38
N PHE B 118 -25.59 -14.60 -0.49
CA PHE B 118 -24.46 -13.67 -0.44
C PHE B 118 -24.42 -12.96 0.91
N TRP B 119 -25.53 -12.33 1.28
CA TRP B 119 -25.57 -11.55 2.50
C TRP B 119 -25.39 -12.45 3.70
N ARG B 120 -26.06 -13.61 3.68
CA ARG B 120 -25.98 -14.57 4.76
C ARG B 120 -24.56 -15.06 4.99
N THR B 121 -23.86 -15.33 3.88
CA THR B 121 -22.49 -15.82 3.94
C THR B 121 -21.53 -14.78 4.49
N MET B 122 -21.71 -13.51 4.11
CA MET B 122 -20.88 -12.44 4.71
C MET B 122 -20.96 -12.48 6.24
N ASP B 123 -22.16 -12.60 6.79
CA ASP B 123 -22.33 -12.70 8.23
C ASP B 123 -21.84 -14.04 8.83
N ASP B 124 -22.07 -15.15 8.12
CA ASP B 124 -21.58 -16.47 8.58
C ASP B 124 -20.05 -16.42 8.76
N MET B 125 -19.37 -15.86 7.76
CA MET B 125 -17.91 -15.77 7.80
C MET B 125 -17.46 -14.87 8.91
N GLY B 126 -18.15 -13.75 9.06
CA GLY B 126 -17.86 -12.80 10.12
C GLY B 126 -17.90 -13.38 11.52
N ARG B 127 -18.75 -14.38 11.74
CA ARG B 127 -18.87 -14.96 13.08
C ARG B 127 -17.61 -15.65 13.54
N GLU B 128 -16.75 -16.03 12.60
CA GLU B 128 -15.49 -16.66 12.94
C GLU B 128 -14.30 -15.70 13.01
N ILE B 129 -14.57 -14.39 12.95
CA ILE B 129 -13.49 -13.39 12.93
C ILE B 129 -13.58 -12.57 14.23
N PRO B 130 -12.60 -12.71 15.14
CA PRO B 130 -12.64 -11.89 16.37
C PRO B 130 -12.49 -10.40 16.04
N SER B 131 -13.36 -9.58 16.60
CA SER B 131 -13.29 -8.13 16.36
C SER B 131 -11.97 -7.50 16.77
N ASP B 132 -11.42 -8.00 17.87
CA ASP B 132 -10.18 -7.48 18.40
C ASP B 132 -8.92 -8.15 17.86
N ALA B 133 -9.08 -9.11 16.96
CA ALA B 133 -7.95 -9.88 16.44
C ALA B 133 -8.37 -10.65 15.20
N PRO B 134 -8.67 -9.94 14.10
CA PRO B 134 -9.13 -10.68 12.92
C PRO B 134 -8.14 -11.71 12.40
N TRP B 135 -6.85 -11.47 12.63
CA TRP B 135 -5.77 -12.40 12.23
C TRP B 135 -5.84 -13.74 12.99
N LYS B 136 -6.66 -13.82 14.04
CA LYS B 136 -6.91 -15.08 14.76
C LYS B 136 -8.11 -15.85 14.21
N ALA B 137 -8.73 -15.38 13.14
CA ALA B 137 -9.78 -16.16 12.50
C ALA B 137 -9.21 -17.53 12.10
N PRO B 138 -10.00 -18.59 12.25
CA PRO B 138 -9.52 -19.94 11.90
C PRO B 138 -8.96 -20.03 10.48
N LEU B 139 -9.60 -19.37 9.52
CA LEU B 139 -9.13 -19.34 8.14
C LEU B 139 -8.49 -18.00 7.77
N ALA B 140 -7.82 -17.36 8.74
CA ALA B 140 -7.30 -16.03 8.51
C ALA B 140 -6.40 -15.93 7.28
N GLU B 141 -5.48 -16.87 7.13
CA GLU B 141 -4.55 -16.82 6.00
C GLU B 141 -5.26 -17.02 4.67
N GLU B 142 -6.10 -18.05 4.60
CA GLU B 142 -6.87 -18.33 3.40
C GLU B 142 -7.70 -17.11 2.98
N TRP B 143 -8.39 -16.50 3.93
CA TRP B 143 -9.23 -15.34 3.62
C TRP B 143 -8.42 -14.07 3.36
N ASP B 144 -7.29 -13.91 4.03
CA ASP B 144 -6.46 -12.71 3.81
C ASP B 144 -5.73 -12.74 2.46
N ASN B 145 -5.52 -13.93 1.90
CA ASN B 145 -4.75 -14.11 0.65
C ASN B 145 -5.62 -14.08 -0.59
N MET B 146 -6.87 -13.68 -0.41
CA MET B 146 -7.85 -13.59 -1.46
C MET B 146 -8.36 -12.16 -1.42
N THR B 147 -8.67 -11.60 -2.58
CA THR B 147 -9.36 -10.31 -2.61
C THR B 147 -10.85 -10.51 -2.48
N MET B 148 -11.59 -9.43 -2.21
CA MET B 148 -13.05 -9.52 -2.26
C MET B 148 -13.56 -9.86 -3.66
N LYS B 149 -12.83 -9.47 -4.72
CA LYS B 149 -13.26 -9.83 -6.06
C LYS B 149 -13.25 -11.35 -6.23
N GLU B 150 -12.19 -11.99 -5.77
CA GLU B 150 -12.12 -13.46 -5.82
C GLU B 150 -13.24 -14.11 -5.05
N LEU B 151 -13.49 -13.61 -3.84
CA LEU B 151 -14.55 -14.18 -3.01
C LEU B 151 -15.91 -14.03 -3.70
N LEU B 152 -16.20 -12.83 -4.21
CA LEU B 152 -17.47 -12.60 -4.90
C LEU B 152 -17.60 -13.43 -6.18
N ASP B 153 -16.50 -13.57 -6.91
CA ASP B 153 -16.51 -14.45 -8.09
C ASP B 153 -16.86 -15.88 -7.75
N LYS B 154 -16.41 -16.36 -6.59
CA LYS B 154 -16.74 -17.70 -6.09
C LYS B 154 -18.21 -17.79 -5.62
N LEU B 155 -18.63 -16.81 -4.83
CA LEU B 155 -19.90 -16.86 -4.12
C LEU B 155 -21.13 -16.59 -4.99
N CYS B 156 -21.00 -15.63 -5.90
CA CYS B 156 -22.14 -15.11 -6.64
C CYS B 156 -22.28 -15.82 -7.97
N TRP B 157 -23.31 -16.67 -8.04
CA TRP B 157 -23.69 -17.35 -9.29
C TRP B 157 -24.49 -16.50 -10.26
N THR B 158 -24.97 -15.33 -9.83
CA THR B 158 -25.68 -14.41 -10.71
C THR B 158 -24.93 -13.09 -10.80
N GLU B 159 -25.01 -12.48 -11.97
CA GLU B 159 -24.47 -11.13 -12.17
C GLU B 159 -25.18 -10.11 -11.31
N SER B 160 -26.48 -10.29 -11.14
CA SER B 160 -27.30 -9.46 -10.25
C SER B 160 -26.69 -9.37 -8.87
N ALA B 161 -26.42 -10.53 -8.26
CA ALA B 161 -25.84 -10.53 -6.92
C ALA B 161 -24.43 -9.94 -6.94
N LYS B 162 -23.66 -10.27 -7.97
CA LYS B 162 -22.28 -9.80 -8.03
C LYS B 162 -22.20 -8.28 -8.15
N GLN B 163 -23.08 -7.69 -8.96
CA GLN B 163 -23.14 -6.25 -9.10
C GLN B 163 -23.57 -5.57 -7.81
N LEU B 164 -24.55 -6.11 -7.10
CA LEU B 164 -24.96 -5.50 -5.83
C LEU B 164 -23.88 -5.67 -4.76
N ALA B 165 -23.29 -6.85 -4.69
CA ALA B 165 -22.18 -7.12 -3.77
C ALA B 165 -20.99 -6.20 -4.02
N THR B 166 -20.71 -5.93 -5.29
CA THR B 166 -19.63 -5.03 -5.66
C THR B 166 -19.91 -3.62 -5.18
N LEU B 167 -21.14 -3.16 -5.40
CA LEU B 167 -21.57 -1.84 -4.95
C LEU B 167 -21.40 -1.76 -3.42
N PHE B 168 -21.87 -2.80 -2.73
CA PHE B 168 -21.74 -2.92 -1.28
C PHE B 168 -20.31 -2.68 -0.81
N VAL B 169 -19.37 -3.40 -1.40
CA VAL B 169 -17.97 -3.23 -1.06
C VAL B 169 -17.49 -1.80 -1.34
N ASN B 170 -17.79 -1.31 -2.55
CA ASN B 170 -17.36 0.02 -2.98
C ASN B 170 -17.88 1.08 -2.01
N LEU B 171 -19.13 0.94 -1.58
CA LEU B 171 -19.79 1.92 -0.72
C LEU B 171 -19.29 1.82 0.71
N CYS B 172 -19.05 0.62 1.20
CA CYS B 172 -18.58 0.43 2.57
CA CYS B 172 -18.59 0.42 2.55
C CYS B 172 -17.17 0.91 2.79
N VAL B 173 -16.29 0.67 1.82
CA VAL B 173 -14.85 0.88 2.03
C VAL B 173 -14.16 1.69 0.94
N THR B 174 -14.96 2.36 0.10
CA THR B 174 -14.48 3.28 -0.94
C THR B 174 -13.28 2.72 -1.73
N ALA B 175 -13.37 1.45 -2.06
CA ALA B 175 -12.31 0.72 -2.72
C ALA B 175 -12.92 -0.35 -3.58
N GLU B 176 -12.15 -0.78 -4.56
CA GLU B 176 -12.60 -1.80 -5.48
C GLU B 176 -12.49 -3.17 -4.81
N THR B 177 -13.34 -4.11 -5.25
CA THR B 177 -13.30 -5.47 -4.68
C THR B 177 -11.93 -6.14 -4.87
N HIS B 178 -11.27 -5.85 -5.98
CA HIS B 178 -9.95 -6.43 -6.24
C HIS B 178 -8.81 -5.75 -5.47
N GLU B 179 -9.05 -4.60 -4.86
CA GLU B 179 -8.03 -3.91 -4.07
C GLU B 179 -7.90 -4.43 -2.64
N VAL B 180 -8.96 -5.03 -2.09
CA VAL B 180 -9.06 -5.28 -0.65
C VAL B 180 -9.04 -6.80 -0.31
N SER B 181 -8.37 -7.12 0.80
CA SER B 181 -8.45 -8.44 1.42
C SER B 181 -9.88 -8.86 1.80
N ALA B 182 -10.26 -10.08 1.46
CA ALA B 182 -11.51 -10.63 1.94
C ALA B 182 -11.57 -10.70 3.45
N LEU B 183 -10.50 -11.15 4.11
CA LEU B 183 -10.49 -11.20 5.57
C LEU B 183 -10.76 -9.83 6.17
N TRP B 184 -10.06 -8.82 5.67
CA TRP B 184 -10.21 -7.47 6.22
C TRP B 184 -11.63 -6.95 6.02
N PHE B 185 -12.18 -7.14 4.82
CA PHE B 185 -13.51 -6.65 4.51
C PHE B 185 -14.55 -7.37 5.38
N LEU B 186 -14.38 -8.68 5.54
CA LEU B 186 -15.31 -9.44 6.35
C LEU B 186 -15.24 -9.01 7.82
N TRP B 187 -14.03 -8.74 8.30
CA TRP B 187 -13.84 -8.18 9.63
C TRP B 187 -14.56 -6.83 9.74
N TYR B 188 -14.33 -5.99 8.74
CA TYR B 188 -14.87 -4.63 8.76
C TYR B 188 -16.39 -4.64 8.93
N VAL B 189 -17.08 -5.51 8.18
CA VAL B 189 -18.53 -5.61 8.29
C VAL B 189 -18.94 -6.17 9.65
N LYS B 190 -18.27 -7.24 10.08
CA LYS B 190 -18.60 -7.88 11.33
C LYS B 190 -18.47 -6.93 12.52
N GLN B 191 -17.41 -6.13 12.52
CA GLN B 191 -17.14 -5.22 13.61
C GLN B 191 -18.04 -3.96 13.63
N CYS B 192 -18.86 -3.77 12.60
CA CYS B 192 -19.96 -2.81 12.63
C CYS B 192 -21.30 -3.46 13.01
N GLY B 193 -21.29 -4.74 13.36
CA GLY B 193 -22.50 -5.46 13.74
C GLY B 193 -23.15 -6.28 12.64
N GLY B 194 -22.48 -6.42 11.50
CA GLY B 194 -22.98 -7.24 10.40
C GLY B 194 -23.65 -6.48 9.27
N THR B 195 -24.14 -7.23 8.29
CA THR B 195 -24.59 -6.65 7.04
C THR B 195 -25.79 -5.73 7.24
N THR B 196 -26.80 -6.20 7.97
CA THR B 196 -28.00 -5.38 8.16
C THR B 196 -27.65 -4.06 8.84
N ARG B 197 -26.84 -4.15 9.87
CA ARG B 197 -26.52 -2.97 10.66
C ARG B 197 -25.73 -1.95 9.83
N ILE B 198 -24.77 -2.42 9.03
CA ILE B 198 -23.91 -1.52 8.30
C ILE B 198 -24.63 -0.88 7.11
N ILE B 199 -25.59 -1.57 6.50
CA ILE B 199 -26.28 -1.04 5.31
C ILE B 199 -27.52 -0.23 5.62
N SER B 200 -28.01 -0.34 6.84
CA SER B 200 -29.30 0.22 7.19
C SER B 200 -29.23 1.71 7.54
N THR B 201 -30.24 2.45 7.08
CA THR B 201 -30.49 3.81 7.55
C THR B 201 -31.31 3.66 8.85
N THR B 202 -32.61 3.36 8.73
CA THR B 202 -33.40 3.07 9.94
C THR B 202 -32.78 1.85 10.64
N ASN B 203 -32.43 2.03 11.92
CA ASN B 203 -31.83 1.00 12.76
C ASN B 203 -30.43 0.57 12.33
N GLY B 204 -29.70 1.44 11.62
CA GLY B 204 -28.32 1.16 11.27
C GLY B 204 -27.42 2.36 11.28
N GLY B 205 -26.26 2.19 10.68
CA GLY B 205 -25.21 3.21 10.68
C GLY B 205 -25.60 4.55 10.10
N GLN B 206 -26.58 4.58 9.19
CA GLN B 206 -26.95 5.83 8.54
C GLN B 206 -28.23 6.44 9.12
N GLU B 207 -28.61 6.07 10.34
CA GLU B 207 -29.91 6.53 10.86
C GLU B 207 -30.00 8.02 11.06
N ARG B 208 -28.93 8.63 11.55
CA ARG B 208 -28.95 10.00 12.01
C ARG B 208 -27.78 10.85 11.56
N LYS B 209 -27.98 12.17 11.64
CA LYS B 209 -26.92 13.15 11.49
C LYS B 209 -27.00 14.09 12.69
N PHE B 210 -25.94 14.83 12.93
CA PHE B 210 -25.92 15.83 14.00
C PHE B 210 -26.52 17.13 13.49
N VAL B 211 -27.44 17.70 14.27
CA VAL B 211 -27.93 19.04 14.01
C VAL B 211 -26.75 20.00 14.10
N GLY B 212 -26.51 20.74 13.03
CA GLY B 212 -25.41 21.67 12.90
C GLY B 212 -24.09 21.12 12.39
N GLY B 213 -23.99 19.80 12.20
CA GLY B 213 -22.83 19.19 11.61
C GLY B 213 -21.95 18.45 12.59
N SER B 214 -21.32 17.37 12.11
CA SER B 214 -20.42 16.60 12.95
C SER B 214 -19.10 17.29 13.31
N GLY B 215 -18.69 18.28 12.51
CA GLY B 215 -17.52 19.08 12.83
C GLY B 215 -17.57 19.70 14.23
N GLN B 216 -18.79 19.94 14.71
CA GLN B 216 -19.00 20.48 16.06
C GLN B 216 -18.41 19.61 17.16
N VAL B 217 -18.28 18.30 16.94
CA VAL B 217 -17.65 17.47 17.96
C VAL B 217 -16.22 17.93 18.23
N SER B 218 -15.41 18.00 17.17
CA SER B 218 -14.03 18.39 17.29
C SER B 218 -13.91 19.86 17.67
N GLU B 219 -14.75 20.70 17.08
CA GLU B 219 -14.74 22.13 17.36
C GLU B 219 -15.04 22.42 18.83
N ARG B 220 -16.03 21.74 19.38
CA ARG B 220 -16.43 22.01 20.77
C ARG B 220 -15.42 21.45 21.79
N ILE B 221 -14.70 20.40 21.42
CA ILE B 221 -13.60 19.94 22.27
C ILE B 221 -12.44 20.92 22.17
N MET B 222 -12.18 21.46 20.99
CA MET B 222 -11.20 22.53 20.86
C MET B 222 -11.59 23.75 21.71
N ASP B 223 -12.88 24.09 21.73
CA ASP B 223 -13.40 25.20 22.57
C ASP B 223 -13.03 24.94 24.04
N LEU B 224 -13.26 23.72 24.51
CA LEU B 224 -12.91 23.37 25.87
C LEU B 224 -11.42 23.50 26.13
N LEU B 225 -10.59 22.98 25.22
CA LEU B 225 -9.16 22.91 25.48
C LEU B 225 -8.41 24.24 25.31
N GLY B 226 -9.03 25.21 24.61
CA GLY B 226 -8.46 26.54 24.35
C GLY B 226 -7.15 26.48 23.60
N ASP B 227 -6.14 27.18 24.13
CA ASP B 227 -4.85 27.25 23.46
C ASP B 227 -4.00 25.98 23.63
N ARG B 228 -4.53 24.93 24.24
CA ARG B 228 -3.87 23.62 24.21
C ARG B 228 -3.89 22.99 22.82
N VAL B 229 -4.80 23.44 21.95
CA VAL B 229 -4.83 23.00 20.56
C VAL B 229 -4.02 23.97 19.72
N LYS B 230 -3.00 23.43 19.04
CA LYS B 230 -2.13 24.20 18.18
C LYS B 230 -2.46 23.82 16.74
N LEU B 231 -3.04 24.75 16.02
CA LEU B 231 -3.33 24.57 14.58
C LEU B 231 -2.13 24.91 13.73
N GLU B 232 -2.06 24.32 12.53
CA GLU B 232 -0.94 24.50 11.61
C GLU B 232 0.40 24.11 12.27
N ARG B 233 0.35 23.00 13.01
CA ARG B 233 1.51 22.38 13.63
C ARG B 233 1.63 20.94 13.12
N PRO B 234 1.98 20.75 11.83
CA PRO B 234 2.24 19.38 11.39
C PRO B 234 3.46 18.82 12.11
N VAL B 235 3.33 17.65 12.71
CA VAL B 235 4.43 16.95 13.37
C VAL B 235 5.33 16.32 12.32
N ILE B 236 6.63 16.58 12.46
CA ILE B 236 7.65 16.11 11.51
C ILE B 236 8.65 15.14 12.13
N TYR B 237 8.75 15.11 13.45
CA TYR B 237 9.85 14.42 14.13
C TYR B 237 9.47 14.08 15.55
N ILE B 238 9.69 12.82 15.92
CA ILE B 238 9.49 12.36 17.26
C ILE B 238 10.76 11.65 17.72
N ASP B 239 11.27 12.07 18.87
CA ASP B 239 12.53 11.58 19.41
C ASP B 239 12.24 11.00 20.78
N GLN B 240 12.46 9.70 20.91
CA GLN B 240 12.28 9.02 22.19
C GLN B 240 13.60 8.56 22.81
N THR B 241 14.73 9.14 22.40
CA THR B 241 16.02 8.69 22.92
C THR B 241 16.29 9.21 24.33
N ARG B 242 15.61 10.29 24.75
CA ARG B 242 15.91 10.98 26.03
C ARG B 242 14.84 10.68 27.10
N GLU B 243 14.97 11.34 28.25
CA GLU B 243 14.05 11.19 29.38
C GLU B 243 12.59 11.50 29.04
N ASN B 244 12.36 12.67 28.44
CA ASN B 244 11.05 13.07 27.93
C ASN B 244 11.02 12.88 26.43
N VAL B 245 9.83 12.62 25.89
CA VAL B 245 9.65 12.48 24.44
C VAL B 245 9.65 13.88 23.84
N LEU B 246 10.36 14.08 22.74
CA LEU B 246 10.41 15.37 22.06
C LEU B 246 9.63 15.27 20.76
N VAL B 247 8.75 16.22 20.53
CA VAL B 247 7.93 16.27 19.30
C VAL B 247 8.16 17.59 18.63
N GLU B 248 8.66 17.54 17.39
CA GLU B 248 8.91 18.75 16.61
C GLU B 248 7.87 18.94 15.50
N THR B 249 7.53 20.20 15.26
CA THR B 249 6.60 20.57 14.20
C THR B 249 7.31 21.26 13.04
N LEU B 250 6.60 21.32 11.91
CA LEU B 250 7.14 21.87 10.69
C LEU B 250 7.47 23.37 10.83
N ASN B 251 6.63 24.07 11.58
CA ASN B 251 6.86 25.48 11.93
C ASN B 251 7.86 25.70 13.09
N HIS B 252 8.70 24.69 13.33
CA HIS B 252 9.92 24.81 14.15
C HIS B 252 9.73 24.80 15.67
N GLU B 253 8.55 24.46 16.14
CA GLU B 253 8.32 24.37 17.58
C GLU B 253 8.67 23.00 18.09
N MET B 254 9.07 22.95 19.36
CA MET B 254 9.42 21.71 20.04
C MET B 254 8.50 21.53 21.23
N TYR B 255 7.95 20.33 21.39
CA TYR B 255 7.06 20.00 22.50
C TYR B 255 7.70 18.84 23.24
N GLU B 256 7.61 18.87 24.56
CA GLU B 256 8.24 17.88 25.40
C GLU B 256 7.15 17.26 26.24
N ALA B 257 7.07 15.94 26.25
CA ALA B 257 6.02 15.24 26.99
C ALA B 257 6.49 13.92 27.56
N LYS B 258 5.71 13.38 28.49
CA LYS B 258 5.95 12.06 29.05
C LYS B 258 5.52 10.96 28.07
N TYR B 259 4.44 11.21 27.33
CA TYR B 259 3.86 10.24 26.39
C TYR B 259 3.28 10.95 25.17
N VAL B 260 3.06 10.18 24.11
CA VAL B 260 2.48 10.72 22.88
C VAL B 260 1.36 9.80 22.44
N ILE B 261 0.26 10.40 21.96
CA ILE B 261 -0.78 9.66 21.26
C ILE B 261 -0.73 10.05 19.79
N SER B 262 -0.55 9.06 18.94
CA SER B 262 -0.66 9.24 17.50
C SER B 262 -2.10 8.98 17.09
N ALA B 263 -2.81 10.04 16.72
CA ALA B 263 -4.22 9.94 16.40
C ALA B 263 -4.43 10.27 14.93
N ILE B 264 -3.51 9.82 14.08
CA ILE B 264 -3.56 10.11 12.63
C ILE B 264 -3.74 8.79 11.90
N PRO B 265 -4.26 8.83 10.66
CA PRO B 265 -4.34 7.58 9.90
C PRO B 265 -3.00 6.85 9.88
N PRO B 266 -2.99 5.51 9.98
CA PRO B 266 -1.72 4.80 10.14
C PRO B 266 -0.65 5.18 9.13
N THR B 267 -1.01 5.24 7.85
CA THR B 267 -0.02 5.57 6.83
C THR B 267 0.55 6.96 6.96
N LEU B 268 -0.20 7.88 7.55
CA LEU B 268 0.31 9.24 7.74
C LEU B 268 1.41 9.32 8.81
N GLY B 269 1.64 8.23 9.55
CA GLY B 269 2.88 8.05 10.31
C GLY B 269 4.13 8.20 9.47
N MET B 270 4.03 7.96 8.16
CA MET B 270 5.17 8.12 7.27
C MET B 270 5.68 9.56 7.19
N LYS B 271 4.83 10.52 7.51
CA LYS B 271 5.21 11.93 7.46
C LYS B 271 6.07 12.39 8.63
N ILE B 272 6.28 11.50 9.59
CA ILE B 272 7.06 11.76 10.78
C ILE B 272 8.37 10.96 10.70
N HIS B 273 9.48 11.64 11.00
CA HIS B 273 10.80 11.00 11.05
C HIS B 273 11.00 10.62 12.50
N PHE B 274 11.33 9.34 12.74
CA PHE B 274 11.44 8.78 14.09
C PHE B 274 12.89 8.55 14.51
N ASN B 275 13.17 8.92 15.75
CA ASN B 275 14.44 8.59 16.41
C ASN B 275 14.14 7.98 17.77
N PRO B 276 14.54 6.73 18.05
CA PRO B 276 15.15 5.82 17.10
C PRO B 276 14.16 5.43 16.00
N PRO B 277 14.66 4.76 14.95
CA PRO B 277 13.73 4.31 13.91
C PRO B 277 12.64 3.43 14.50
N LEU B 278 11.49 3.37 13.83
CA LEU B 278 10.43 2.50 14.28
C LEU B 278 10.89 1.06 14.19
N PRO B 279 10.29 0.18 15.00
CA PRO B 279 10.53 -1.26 14.82
C PRO B 279 10.16 -1.68 13.40
N MET B 280 10.86 -2.68 12.87
CA MET B 280 10.64 -3.21 11.53
C MET B 280 9.18 -3.33 11.13
N MET B 281 8.37 -3.97 11.96
CA MET B 281 7.03 -4.30 11.50
C MET B 281 6.18 -3.05 11.31
N ARG B 282 6.31 -2.08 12.21
CA ARG B 282 5.59 -0.82 12.01
C ARG B 282 6.17 -0.02 10.85
N ASN B 283 7.50 -0.02 10.72
CA ASN B 283 8.16 0.66 9.61
C ASN B 283 7.55 0.24 8.27
N GLN B 284 7.40 -1.07 8.06
CA GLN B 284 6.77 -1.55 6.82
C GLN B 284 5.25 -1.43 6.82
N MET B 285 4.59 -1.64 7.95
CA MET B 285 3.13 -1.59 8.02
C MET B 285 2.59 -0.29 7.45
N ILE B 286 3.19 0.82 7.85
CA ILE B 286 2.65 2.15 7.50
C ILE B 286 2.86 2.54 6.02
N THR B 287 3.53 1.67 5.25
CA THR B 287 3.59 1.76 3.79
C THR B 287 2.59 0.83 3.07
N ARG B 288 1.80 0.07 3.82
CA ARG B 288 0.98 -1.01 3.25
C ARG B 288 -0.51 -0.80 3.43
N VAL B 289 -0.91 0.39 3.90
CA VAL B 289 -2.25 0.64 4.44
C VAL B 289 -2.83 1.95 3.86
N PRO B 290 -3.25 1.92 2.58
CA PRO B 290 -3.81 3.09 1.95
C PRO B 290 -5.23 3.42 2.45
N LEU B 291 -5.66 4.64 2.22
CA LEU B 291 -7.08 5.00 2.39
C LEU B 291 -7.83 4.99 1.06
N GLY B 292 -9.13 4.81 1.17
CA GLY B 292 -10.01 4.76 0.03
C GLY B 292 -10.18 6.10 -0.67
N SER B 293 -11.02 6.09 -1.71
CA SER B 293 -11.19 7.25 -2.58
C SER B 293 -12.65 7.58 -2.71
N VAL B 294 -12.99 8.83 -2.45
CA VAL B 294 -14.39 9.26 -2.51
C VAL B 294 -14.49 10.76 -2.71
N ILE B 295 -15.49 11.14 -3.51
CA ILE B 295 -15.94 12.52 -3.61
C ILE B 295 -17.33 12.53 -3.03
N LYS B 296 -17.54 13.33 -2.00
CA LYS B 296 -18.86 13.52 -1.43
C LYS B 296 -19.49 14.77 -2.05
N CYS B 297 -20.67 14.60 -2.62
CA CYS B 297 -21.33 15.61 -3.42
C CYS B 297 -22.74 15.85 -2.91
N ILE B 298 -23.10 17.13 -2.74
CA ILE B 298 -24.43 17.47 -2.24
C ILE B 298 -25.07 18.46 -3.22
N VAL B 299 -26.16 18.03 -3.84
CA VAL B 299 -26.94 18.86 -4.76
C VAL B 299 -28.17 19.36 -4.04
N TYR B 300 -28.37 20.69 -4.09
CA TYR B 300 -29.46 21.37 -3.39
C TYR B 300 -30.59 21.70 -4.35
N TYR B 301 -31.82 21.61 -3.84
CA TYR B 301 -33.01 21.92 -4.60
C TYR B 301 -33.94 22.81 -3.81
N LYS B 302 -34.89 23.43 -4.50
CA LYS B 302 -35.88 24.26 -3.83
C LYS B 302 -36.74 23.48 -2.83
N GLU B 303 -37.13 22.27 -3.19
CA GLU B 303 -37.95 21.40 -2.34
C GLU B 303 -37.45 19.98 -2.42
N PRO B 304 -37.79 19.14 -1.43
CA PRO B 304 -37.45 17.71 -1.49
C PRO B 304 -38.48 17.00 -2.38
N PHE B 305 -38.41 17.29 -3.67
CA PHE B 305 -39.48 16.96 -4.62
C PHE B 305 -39.73 15.48 -4.77
N TRP B 306 -38.69 14.68 -4.53
CA TRP B 306 -38.77 13.24 -4.55
C TRP B 306 -39.84 12.67 -3.62
N ARG B 307 -40.05 13.31 -2.48
CA ARG B 307 -41.03 12.89 -1.52
C ARG B 307 -42.46 12.88 -2.06
N LYS B 308 -42.74 13.79 -3.00
CA LYS B 308 -44.06 13.85 -3.64
C LYS B 308 -44.35 12.61 -4.47
N LYS B 309 -43.33 11.92 -4.95
CA LYS B 309 -43.48 10.65 -5.67
C LYS B 309 -43.30 9.44 -4.77
N ASP B 310 -43.37 9.64 -3.45
CA ASP B 310 -43.17 8.59 -2.47
C ASP B 310 -41.79 7.92 -2.59
N TYR B 311 -40.77 8.73 -2.86
CA TYR B 311 -39.38 8.30 -2.78
C TYR B 311 -38.73 9.06 -1.63
N CYS B 312 -37.93 8.39 -0.82
CA CYS B 312 -37.27 9.05 0.31
C CYS B 312 -36.01 9.78 -0.08
N GLY B 313 -35.42 9.47 -1.22
CA GLY B 313 -34.20 10.09 -1.67
C GLY B 313 -33.00 9.15 -1.69
N THR B 314 -33.17 7.97 -1.11
CA THR B 314 -32.17 6.92 -1.20
C THR B 314 -32.22 6.29 -2.58
N MET B 315 -31.08 6.25 -3.24
CA MET B 315 -30.92 5.60 -4.54
C MET B 315 -29.71 4.70 -4.46
N ILE B 316 -29.89 3.46 -4.92
CA ILE B 316 -28.81 2.48 -5.06
C ILE B 316 -28.74 2.21 -6.54
N ILE B 317 -27.64 2.59 -7.15
CA ILE B 317 -27.56 2.73 -8.61
C ILE B 317 -26.42 1.83 -9.09
N ASP B 318 -26.79 0.71 -9.70
CA ASP B 318 -25.82 -0.28 -10.18
C ASP B 318 -25.08 0.24 -11.41
N GLY B 319 -23.91 -0.33 -11.66
CA GLY B 319 -23.27 -0.24 -12.98
C GLY B 319 -22.16 0.79 -13.12
N GLU B 320 -21.39 0.64 -14.19
CA GLU B 320 -20.21 1.48 -14.42
C GLU B 320 -20.54 2.90 -14.81
N GLU B 321 -21.61 3.08 -15.55
CA GLU B 321 -21.93 4.34 -16.19
C GLU B 321 -22.27 5.45 -15.16
N ALA B 322 -23.04 5.08 -14.14
CA ALA B 322 -23.49 6.03 -13.12
C ALA B 322 -22.30 6.63 -12.35
N PRO B 323 -22.22 7.96 -12.26
CA PRO B 323 -21.12 8.53 -11.47
C PRO B 323 -21.26 8.25 -9.98
N VAL B 324 -22.50 8.19 -9.52
CA VAL B 324 -22.84 8.03 -8.11
C VAL B 324 -23.60 6.74 -7.95
N ALA B 325 -23.14 5.87 -7.07
CA ALA B 325 -23.79 4.58 -6.83
C ALA B 325 -24.78 4.61 -5.70
N TYR B 326 -24.70 5.64 -4.83
CA TYR B 326 -25.54 5.68 -3.65
C TYR B 326 -25.81 7.10 -3.23
N THR B 327 -27.07 7.36 -2.91
CA THR B 327 -27.50 8.64 -2.38
C THR B 327 -28.36 8.48 -1.16
N LEU B 328 -28.39 9.55 -0.36
CA LEU B 328 -29.33 9.71 0.74
C LEU B 328 -29.92 11.12 0.69
N ASP B 329 -31.13 11.27 1.19
CA ASP B 329 -31.73 12.60 1.39
C ASP B 329 -30.88 13.37 2.42
N ASP B 330 -30.38 14.56 2.07
CA ASP B 330 -29.61 15.40 2.98
C ASP B 330 -30.41 16.62 3.43
N THR B 331 -31.71 16.63 3.17
CA THR B 331 -32.61 17.72 3.59
C THR B 331 -32.53 17.90 5.11
N LYS B 332 -32.63 19.14 5.57
CA LYS B 332 -32.58 19.47 7.01
C LYS B 332 -33.88 19.05 7.65
N PRO B 333 -33.89 18.95 9.01
CA PRO B 333 -35.06 18.36 9.62
C PRO B 333 -36.35 19.13 9.40
N GLU B 334 -36.29 20.40 8.98
CA GLU B 334 -37.49 21.17 8.81
C GLU B 334 -38.10 21.06 7.39
N GLY B 335 -37.52 20.21 6.54
CA GLY B 335 -37.91 20.14 5.15
C GLY B 335 -37.23 21.22 4.34
N ASN B 336 -36.33 22.00 4.92
CA ASN B 336 -35.67 23.04 4.14
C ASN B 336 -34.24 22.64 3.84
N TYR B 337 -33.61 23.44 3.00
CA TYR B 337 -32.33 23.16 2.38
C TYR B 337 -32.37 21.78 1.76
N ALA B 338 -33.44 21.53 0.97
CA ALA B 338 -33.60 20.23 0.33
C ALA B 338 -32.35 19.87 -0.45
N ALA B 339 -31.93 18.61 -0.33
CA ALA B 339 -30.67 18.20 -0.92
C ALA B 339 -30.56 16.68 -1.03
N ILE B 340 -29.78 16.23 -2.02
CA ILE B 340 -29.41 14.84 -2.17
C ILE B 340 -27.90 14.74 -1.99
N MET B 341 -27.47 13.88 -1.07
CA MET B 341 -26.05 13.56 -0.88
C MET B 341 -25.75 12.32 -1.73
N GLY B 342 -24.69 12.37 -2.53
CA GLY B 342 -24.23 11.20 -3.25
C GLY B 342 -22.74 11.04 -3.13
N PHE B 343 -22.28 9.80 -3.21
CA PHE B 343 -20.85 9.46 -3.19
C PHE B 343 -20.40 9.03 -4.58
N ILE B 344 -19.28 9.60 -5.04
CA ILE B 344 -18.59 9.10 -6.22
C ILE B 344 -17.47 8.25 -5.66
N LEU B 345 -17.52 6.96 -5.94
CA LEU B 345 -16.75 5.95 -5.15
C LEU B 345 -15.57 5.37 -5.89
N ALA B 346 -14.47 5.16 -5.17
CA ALA B 346 -13.36 4.30 -5.63
C ALA B 346 -12.82 4.75 -7.02
N HIS B 347 -12.75 3.89 -8.05
CA HIS B 347 -12.15 4.33 -9.32
C HIS B 347 -12.86 5.52 -9.96
N LYS B 348 -14.16 5.68 -9.69
CA LYS B 348 -14.90 6.78 -10.26
C LYS B 348 -14.47 8.11 -9.68
N ALA B 349 -14.01 8.11 -8.42
CA ALA B 349 -13.49 9.33 -7.83
C ALA B 349 -12.25 9.75 -8.60
N ARG B 350 -11.41 8.79 -8.93
CA ARG B 350 -10.18 9.07 -9.72
C ARG B 350 -10.56 9.55 -11.12
N LYS B 351 -11.49 8.86 -11.76
CA LYS B 351 -11.87 9.17 -13.14
C LYS B 351 -12.53 10.54 -13.26
N LEU B 352 -13.48 10.85 -12.39
CA LEU B 352 -14.30 12.05 -12.54
C LEU B 352 -13.70 13.30 -11.92
N ALA B 353 -12.62 13.11 -11.18
CA ALA B 353 -11.85 14.23 -10.62
C ALA B 353 -11.30 15.14 -11.71
N ARG B 354 -11.02 14.59 -12.89
CA ARG B 354 -10.52 15.40 -14.03
C ARG B 354 -11.52 16.43 -14.59
N LEU B 355 -12.81 16.26 -14.28
CA LEU B 355 -13.86 17.21 -14.68
C LEU B 355 -13.89 18.46 -13.82
N THR B 356 -14.59 19.50 -14.27
CA THR B 356 -14.86 20.63 -13.41
C THR B 356 -16.01 20.32 -12.45
N LYS B 357 -16.15 21.16 -11.43
CA LYS B 357 -17.25 21.11 -10.49
C LYS B 357 -18.60 21.20 -11.21
N GLU B 358 -18.67 22.10 -12.19
CA GLU B 358 -19.91 22.32 -12.95
C GLU B 358 -20.25 21.09 -13.80
N GLU B 359 -19.21 20.45 -14.37
CA GLU B 359 -19.39 19.22 -15.11
C GLU B 359 -19.87 18.06 -14.26
N ARG B 360 -19.30 17.90 -13.06
CA ARG B 360 -19.80 16.91 -12.13
C ARG B 360 -21.26 17.21 -11.75
N LEU B 361 -21.58 18.47 -11.47
CA LEU B 361 -22.97 18.85 -11.13
C LEU B 361 -23.97 18.42 -12.20
N LYS B 362 -23.63 18.72 -13.47
CA LYS B 362 -24.48 18.34 -14.58
C LYS B 362 -24.67 16.82 -14.69
N LYS B 363 -23.60 16.04 -14.55
CA LYS B 363 -23.68 14.58 -14.60
C LYS B 363 -24.56 14.02 -13.47
N LEU B 364 -24.40 14.57 -12.26
CA LEU B 364 -25.22 14.16 -11.13
C LEU B 364 -26.68 14.48 -11.31
N CYS B 365 -26.97 15.71 -11.75
CA CYS B 365 -28.37 16.13 -11.94
C CYS B 365 -29.06 15.26 -12.99
N GLU B 366 -28.36 14.98 -14.09
CA GLU B 366 -28.92 14.13 -15.16
C GLU B 366 -29.15 12.70 -14.69
N LEU B 367 -28.23 12.18 -13.88
CA LEU B 367 -28.42 10.88 -13.27
C LEU B 367 -29.64 10.86 -12.35
N TYR B 368 -29.75 11.87 -11.50
CA TYR B 368 -30.82 11.92 -10.53
C TYR B 368 -32.18 12.10 -11.23
N ALA B 369 -32.20 12.83 -12.34
CA ALA B 369 -33.43 13.02 -13.08
C ALA B 369 -33.92 11.68 -13.63
N LYS B 370 -32.98 10.88 -14.11
CA LYS B 370 -33.31 9.56 -14.61
C LYS B 370 -33.80 8.64 -13.50
N VAL B 371 -33.07 8.61 -12.40
CA VAL B 371 -33.38 7.64 -11.37
C VAL B 371 -34.65 8.03 -10.60
N LEU B 372 -34.79 9.30 -10.28
CA LEU B 372 -36.00 9.80 -9.59
C LEU B 372 -37.16 10.03 -10.56
N GLY B 373 -36.90 9.96 -11.86
CA GLY B 373 -37.94 10.15 -12.86
C GLY B 373 -38.56 11.53 -12.77
N SER B 374 -37.71 12.56 -12.63
CA SER B 374 -38.19 13.91 -12.43
C SER B 374 -37.30 14.93 -13.05
N LEU B 375 -37.89 15.82 -13.83
CA LEU B 375 -37.17 16.93 -14.42
C LEU B 375 -36.73 17.95 -13.39
N GLU B 376 -37.37 17.95 -12.21
CA GLU B 376 -36.99 18.85 -11.11
C GLU B 376 -35.53 18.66 -10.71
N ALA B 377 -34.99 17.46 -10.92
CA ALA B 377 -33.58 17.18 -10.63
C ALA B 377 -32.59 17.97 -11.48
N LEU B 378 -33.06 18.50 -12.62
CA LEU B 378 -32.25 19.28 -13.51
C LEU B 378 -32.18 20.75 -13.13
N GLU B 379 -32.81 21.14 -12.03
CA GLU B 379 -32.85 22.54 -11.59
C GLU B 379 -32.24 22.73 -10.20
N PRO B 380 -30.95 22.39 -10.05
CA PRO B 380 -30.32 22.59 -8.74
C PRO B 380 -30.20 24.09 -8.41
N VAL B 381 -30.27 24.39 -7.12
CA VAL B 381 -30.11 25.77 -6.63
C VAL B 381 -28.73 26.04 -6.04
N HIS B 382 -27.99 24.98 -5.73
CA HIS B 382 -26.67 25.09 -5.13
C HIS B 382 -26.01 23.71 -5.19
N TYR B 383 -24.68 23.70 -5.06
CA TYR B 383 -23.88 22.47 -5.10
C TYR B 383 -22.67 22.65 -4.19
N GLU B 384 -22.36 21.62 -3.40
CA GLU B 384 -21.11 21.53 -2.65
C GLU B 384 -20.51 20.14 -2.84
N GLU B 385 -19.19 20.04 -2.86
CA GLU B 385 -18.53 18.75 -2.97
C GLU B 385 -17.18 18.81 -2.32
N LYS B 386 -16.66 17.64 -1.98
CA LYS B 386 -15.30 17.54 -1.45
C LYS B 386 -14.69 16.26 -1.93
N ASN B 387 -13.55 16.38 -2.62
CA ASN B 387 -12.76 15.23 -3.03
C ASN B 387 -11.68 14.95 -1.98
N TRP B 388 -11.87 13.88 -1.22
CA TRP B 388 -10.99 13.55 -0.12
C TRP B 388 -9.65 12.93 -0.56
N CYS B 389 -9.55 12.55 -1.83
CA CYS B 389 -8.31 12.04 -2.37
C CYS B 389 -7.21 13.09 -2.43
N GLU B 390 -7.60 14.37 -2.41
CA GLU B 390 -6.68 15.51 -2.49
C GLU B 390 -5.95 15.84 -1.19
N GLU B 391 -6.41 15.29 -0.08
CA GLU B 391 -5.99 15.75 1.23
C GLU B 391 -4.67 15.17 1.71
N GLN B 392 -3.65 16.01 1.81
CA GLN B 392 -2.34 15.59 2.29
C GLN B 392 -2.41 15.00 3.71
N TYR B 393 -3.24 15.57 4.57
CA TYR B 393 -3.31 15.14 5.95
C TYR B 393 -4.49 14.22 6.28
N SER B 394 -5.16 13.67 5.24
CA SER B 394 -6.04 12.51 5.41
C SER B 394 -5.57 11.29 4.63
N GLY B 395 -5.21 11.49 3.37
CA GLY B 395 -4.84 10.38 2.47
C GLY B 395 -6.00 9.78 1.70
N GLY B 396 -7.22 10.13 2.08
CA GLY B 396 -8.43 9.60 1.47
C GLY B 396 -9.55 9.56 2.49
N CYS B 397 -10.63 8.85 2.14
CA CYS B 397 -11.75 8.60 3.02
C CYS B 397 -12.48 7.37 2.51
N TYR B 398 -13.33 6.73 3.31
CA TYR B 398 -13.58 7.09 4.73
C TYR B 398 -12.42 6.69 5.62
N THR B 399 -11.76 5.58 5.24
CA THR B 399 -10.80 4.97 6.13
C THR B 399 -9.74 4.17 5.37
N THR B 400 -8.87 3.57 6.15
CA THR B 400 -7.79 2.70 5.66
C THR B 400 -8.33 1.33 5.28
N TYR B 401 -7.95 0.85 4.10
CA TYR B 401 -8.21 -0.51 3.71
C TYR B 401 -6.93 -1.31 3.69
N PHE B 402 -7.11 -2.63 3.78
CA PHE B 402 -6.01 -3.57 3.82
C PHE B 402 -6.03 -4.40 2.56
N PRO B 403 -5.01 -4.24 1.71
CA PRO B 403 -4.85 -5.12 0.56
C PRO B 403 -4.57 -6.57 0.96
N PRO B 404 -4.69 -7.50 0.00
CA PRO B 404 -4.48 -8.91 0.34
C PRO B 404 -3.10 -9.17 0.96
N GLY B 405 -3.11 -9.94 2.03
CA GLY B 405 -1.91 -10.38 2.72
C GLY B 405 -1.47 -9.50 3.88
N ILE B 406 -1.99 -8.29 4.00
CA ILE B 406 -1.44 -7.32 4.94
C ILE B 406 -1.94 -7.48 6.38
N LEU B 407 -3.24 -7.74 6.56
CA LEU B 407 -3.83 -7.80 7.91
C LEU B 407 -3.24 -8.92 8.74
N THR B 408 -3.05 -10.10 8.13
CA THR B 408 -2.46 -11.21 8.85
C THR B 408 -1.00 -10.96 9.23
N GLN B 409 -0.26 -10.31 8.35
CA GLN B 409 1.17 -10.10 8.55
C GLN B 409 1.48 -8.92 9.45
N TYR B 410 0.65 -7.87 9.37
CA TYR B 410 0.93 -6.61 10.05
C TYR B 410 -0.18 -6.12 10.96
N GLY B 411 -1.34 -6.77 10.97
CA GLY B 411 -2.49 -6.26 11.74
C GLY B 411 -2.23 -6.07 13.22
N ARG B 412 -1.51 -7.01 13.82
CA ARG B 412 -1.15 -6.94 15.24
C ARG B 412 -0.39 -5.67 15.61
N VAL B 413 0.30 -5.08 14.63
CA VAL B 413 1.16 -3.92 14.85
C VAL B 413 0.32 -2.65 15.10
N LEU B 414 -0.91 -2.58 14.59
CA LEU B 414 -1.58 -1.26 14.54
C LEU B 414 -1.68 -0.53 15.86
N ARG B 415 -2.08 -1.22 16.91
CA ARG B 415 -2.20 -0.49 18.18
C ARG B 415 -1.15 -0.88 19.21
N GLN B 416 -0.09 -1.55 18.76
CA GLN B 416 1.00 -1.87 19.66
C GLN B 416 1.80 -0.60 20.00
N PRO B 417 1.92 -0.25 21.29
CA PRO B 417 2.71 0.93 21.62
C PRO B 417 4.18 0.82 21.15
N VAL B 418 4.78 1.96 20.81
CA VAL B 418 6.17 2.05 20.45
C VAL B 418 6.81 2.93 21.52
N ASP B 419 7.32 2.25 22.56
CA ASP B 419 7.92 2.91 23.72
C ASP B 419 6.88 3.76 24.42
N ARG B 420 6.91 5.07 24.27
CA ARG B 420 5.94 5.96 24.91
C ARG B 420 4.92 6.57 23.92
N ILE B 421 4.84 6.03 22.70
CA ILE B 421 3.83 6.43 21.72
C ILE B 421 2.74 5.38 21.73
N TYR B 422 1.50 5.83 21.97
CA TYR B 422 0.33 4.97 21.93
C TYR B 422 -0.50 5.39 20.71
N PHE B 423 -1.33 4.48 20.20
CA PHE B 423 -1.99 4.70 18.90
C PHE B 423 -3.48 4.74 19.02
N ALA B 424 -4.03 5.89 18.64
CA ALA B 424 -5.47 6.13 18.57
C ALA B 424 -5.81 6.11 17.07
N GLY B 425 -6.88 6.80 16.70
CA GLY B 425 -7.37 6.79 15.32
C GLY B 425 -8.38 5.69 15.11
N THR B 426 -9.40 5.98 14.30
CA THR B 426 -10.50 5.05 14.12
C THR B 426 -10.05 3.68 13.60
N GLU B 427 -8.96 3.67 12.85
CA GLU B 427 -8.38 2.41 12.33
C GLU B 427 -8.01 1.40 13.40
N THR B 428 -7.75 1.87 14.63
CA THR B 428 -7.37 1.02 15.73
C THR B 428 -8.55 0.58 16.60
N ALA B 429 -9.77 1.00 16.26
CA ALA B 429 -10.96 0.58 17.03
C ALA B 429 -11.32 -0.87 16.77
N THR B 430 -12.12 -1.43 17.68
CA THR B 430 -12.65 -2.80 17.54
C THR B 430 -14.16 -2.88 17.28
N HIS B 431 -14.84 -1.73 17.33
CA HIS B 431 -16.28 -1.65 17.04
C HIS B 431 -16.48 -0.35 16.27
N TRP B 432 -17.07 -0.44 15.08
CA TRP B 432 -17.19 0.69 14.16
C TRP B 432 -15.87 1.42 13.85
N SER B 433 -14.78 0.65 13.77
CA SER B 433 -13.56 1.12 13.12
C SER B 433 -13.91 1.62 11.74
N GLY B 434 -13.36 2.77 11.36
CA GLY B 434 -13.65 3.45 10.12
C GLY B 434 -14.62 4.61 10.29
N TYR B 435 -15.31 4.65 11.42
CA TYR B 435 -16.37 5.62 11.71
C TYR B 435 -15.97 6.55 12.86
N MET B 436 -16.77 7.60 13.03
CA MET B 436 -16.61 8.51 14.16
C MET B 436 -16.71 7.75 15.48
N GLU B 437 -17.60 6.77 15.57
CA GLU B 437 -17.68 5.91 16.74
C GLU B 437 -16.32 5.28 17.08
N GLY B 438 -15.70 4.67 16.09
CA GLY B 438 -14.39 4.04 16.29
C GLY B 438 -13.33 5.06 16.68
N ALA B 439 -13.42 6.27 16.14
CA ALA B 439 -12.50 7.32 16.52
C ALA B 439 -12.57 7.58 18.04
N VAL B 440 -13.77 7.64 18.57
CA VAL B 440 -13.95 7.89 20.03
C VAL B 440 -13.43 6.68 20.81
N GLU B 441 -13.83 5.48 20.42
CA GLU B 441 -13.36 4.27 21.11
C GLU B 441 -11.85 4.26 21.22
N ALA B 442 -11.19 4.49 20.09
CA ALA B 442 -9.72 4.42 20.03
C ALA B 442 -9.00 5.53 20.79
N GLY B 443 -9.53 6.74 20.70
CA GLY B 443 -8.94 7.87 21.41
C GLY B 443 -8.98 7.66 22.91
N GLU B 444 -10.14 7.23 23.40
CA GLU B 444 -10.33 7.04 24.81
C GLU B 444 -9.54 5.85 25.32
N ARG B 445 -9.46 4.77 24.53
CA ARG B 445 -8.65 3.60 24.90
C ARG B 445 -7.17 3.97 24.96
N ALA B 446 -6.65 4.69 23.96
CA ALA B 446 -5.25 5.11 23.98
C ALA B 446 -4.96 6.02 25.17
N ALA B 447 -5.88 6.95 25.47
CA ALA B 447 -5.72 7.80 26.65
C ALA B 447 -5.63 6.96 27.94
N ARG B 448 -6.50 5.98 28.08
CA ARG B 448 -6.51 5.11 29.26
C ARG B 448 -5.30 4.18 29.32
N GLU B 449 -4.74 3.80 28.17
CA GLU B 449 -3.44 3.09 28.17
C GLU B 449 -2.35 3.93 28.86
N ILE B 450 -2.33 5.23 28.54
CA ILE B 450 -1.40 6.17 29.18
C ILE B 450 -1.73 6.31 30.68
N LEU B 451 -3.00 6.46 31.03
CA LEU B 451 -3.38 6.52 32.45
C LEU B 451 -2.89 5.28 33.20
N HIS B 452 -3.03 4.12 32.58
CA HIS B 452 -2.51 2.88 33.16
C HIS B 452 -0.99 2.88 33.26
N ALA B 453 -0.31 3.33 32.19
CA ALA B 453 1.17 3.41 32.22
C ALA B 453 1.65 4.31 33.36
N MET B 454 0.88 5.36 33.65
CA MET B 454 1.17 6.27 34.74
C MET B 454 0.79 5.75 36.13
N GLY B 455 0.19 4.56 36.20
CA GLY B 455 -0.26 3.98 37.46
C GLY B 455 -1.54 4.57 38.02
N LYS B 456 -2.30 5.30 37.21
CA LYS B 456 -3.50 6.00 37.67
C LYS B 456 -4.76 5.15 37.63
N ILE B 457 -4.80 4.16 36.75
CA ILE B 457 -5.91 3.22 36.69
C ILE B 457 -5.38 1.80 36.51
N PRO B 458 -6.17 0.79 36.89
CA PRO B 458 -5.77 -0.59 36.67
C PRO B 458 -5.90 -1.03 35.21
N GLU B 459 -5.22 -2.13 34.88
CA GLU B 459 -5.24 -2.72 33.53
C GLU B 459 -6.66 -2.94 32.99
N ASP B 460 -7.54 -3.43 33.86
CA ASP B 460 -8.89 -3.78 33.46
C ASP B 460 -9.79 -2.59 33.14
N GLU B 461 -9.32 -1.37 33.34
CA GLU B 461 -10.07 -0.15 32.96
C GLU B 461 -9.58 0.47 31.64
N ILE B 462 -8.60 -0.15 30.97
CA ILE B 462 -8.13 0.36 29.67
C ILE B 462 -9.25 0.29 28.63
N TRP B 463 -9.92 -0.85 28.53
CA TRP B 463 -11.06 -1.03 27.67
C TRP B 463 -12.30 -0.91 28.53
N GLN B 464 -13.23 -0.06 28.10
CA GLN B 464 -14.41 0.28 28.90
C GLN B 464 -15.65 0.11 28.03
N SER B 465 -16.67 -0.59 28.55
CA SER B 465 -17.96 -0.69 27.88
C SER B 465 -18.67 0.67 27.90
N GLU B 466 -19.71 0.77 27.09
CA GLU B 466 -20.43 2.02 26.94
C GLU B 466 -21.91 1.77 27.10
N PRO B 467 -22.57 2.45 28.03
CA PRO B 467 -24.02 2.27 28.15
C PRO B 467 -24.75 2.65 26.86
N GLU B 468 -25.83 1.96 26.54
CA GLU B 468 -26.62 2.27 25.36
C GLU B 468 -27.24 3.66 25.47
N SER B 469 -27.17 4.41 24.38
CA SER B 469 -27.84 5.69 24.25
C SER B 469 -29.34 5.53 24.51
N VAL B 470 -29.87 6.43 25.33
CA VAL B 470 -31.33 6.50 25.55
C VAL B 470 -32.04 7.14 24.35
N ASP B 471 -31.34 8.01 23.63
CA ASP B 471 -31.90 8.77 22.52
C ASP B 471 -31.94 7.98 21.22
N VAL B 472 -30.99 7.06 21.07
CA VAL B 472 -30.83 6.26 19.84
C VAL B 472 -30.65 4.80 20.25
N PRO B 473 -31.69 4.20 20.83
CA PRO B 473 -31.59 2.80 21.20
C PRO B 473 -31.52 1.89 19.97
N ALA B 474 -30.83 0.77 20.12
CA ALA B 474 -30.73 -0.21 19.04
C ALA B 474 -31.87 -1.21 19.15
N GLN B 475 -32.52 -1.49 18.02
CA GLN B 475 -33.44 -2.62 17.91
C GLN B 475 -32.69 -3.84 17.40
N PRO B 476 -33.15 -5.04 17.77
CA PRO B 476 -32.42 -6.26 17.35
C PRO B 476 -32.40 -6.45 15.84
N ILE B 477 -31.32 -7.06 15.34
CA ILE B 477 -31.28 -7.50 13.94
C ILE B 477 -31.92 -8.88 13.91
N THR B 478 -32.91 -9.05 13.03
CA THR B 478 -33.60 -10.33 12.92
C THR B 478 -33.45 -10.89 11.50
N THR B 479 -33.64 -12.20 11.40
CA THR B 479 -33.73 -12.91 10.13
C THR B 479 -34.97 -13.82 10.15
N THR B 480 -35.43 -14.21 8.98
CA THR B 480 -36.55 -15.16 8.88
C THR B 480 -36.04 -16.58 8.74
N PHE B 481 -36.92 -17.54 9.02
CA PHE B 481 -36.61 -18.96 8.83
C PHE B 481 -36.09 -19.24 7.42
N LEU B 482 -36.81 -18.75 6.41
CA LEU B 482 -36.39 -18.94 5.01
C LEU B 482 -35.05 -18.31 4.69
N GLU B 483 -34.81 -17.09 5.20
CA GLU B 483 -33.49 -16.46 5.03
C GLU B 483 -32.37 -17.34 5.60
N ARG B 484 -32.61 -17.94 6.77
CA ARG B 484 -31.60 -18.79 7.42
C ARG B 484 -31.40 -20.12 6.67
N HIS B 485 -32.44 -20.68 6.06
CA HIS B 485 -32.41 -22.06 5.58
C HIS B 485 -32.52 -22.30 4.07
N LEU B 486 -32.93 -21.31 3.29
CA LEU B 486 -32.94 -21.46 1.86
C LEU B 486 -31.56 -21.81 1.32
N PRO B 487 -31.51 -22.75 0.37
CA PRO B 487 -30.20 -23.14 -0.15
C PRO B 487 -29.55 -22.04 -0.99
N SER B 488 -28.23 -22.10 -1.11
CA SER B 488 -27.51 -21.34 -2.12
C SER B 488 -27.82 -21.91 -3.50
N VAL B 489 -27.35 -21.25 -4.55
CA VAL B 489 -27.50 -21.80 -5.90
C VAL B 489 -26.81 -23.17 -6.01
N PRO B 490 -25.52 -23.28 -5.64
CA PRO B 490 -24.87 -24.62 -5.74
C PRO B 490 -25.49 -25.66 -4.80
N GLY B 491 -26.00 -25.20 -3.65
CA GLY B 491 -26.79 -26.03 -2.77
C GLY B 491 -28.05 -26.57 -3.42
N LEU B 492 -28.76 -25.72 -4.16
CA LEU B 492 -29.92 -26.17 -4.94
C LEU B 492 -29.52 -27.14 -6.04
N LEU B 493 -28.37 -26.89 -6.68
CA LEU B 493 -27.83 -27.78 -7.72
C LEU B 493 -27.41 -29.15 -7.16
N ARG B 494 -26.82 -29.17 -5.96
CA ARG B 494 -26.47 -30.43 -5.28
C ARG B 494 -27.68 -31.33 -4.99
N LEU B 495 -28.81 -30.72 -4.63
CA LEU B 495 -30.07 -31.45 -4.49
C LEU B 495 -30.60 -32.03 -5.81
N ILE B 496 -30.27 -31.39 -6.93
CA ILE B 496 -30.66 -31.86 -8.27
C ILE B 496 -29.48 -32.57 -8.95
#